data_4DI6
#
_entry.id   4DI6
#
_cell.length_a   135.260
_cell.length_b   135.260
_cell.length_c   126.650
_cell.angle_alpha   90.00
_cell.angle_beta   90.00
_cell.angle_gamma   120.00
#
_symmetry.space_group_name_H-M   'P 63'
#
loop_
_entity.id
_entity.type
_entity.pdbx_description
1 polymer 'Nucleoside diphosphate kinase'
2 water water
#
_entity_poly.entity_id   1
_entity_poly.type   'polypeptide(L)'
_entity_poly.pdbx_seq_one_letter_code
;MAHHHHHHMGTLEAQTQGPGSMSMLLQKTLCIVKPDGVRRGLIGDVVSRFERVGLKMVAAKMLIVDESLAKKHYLYDDIV
FRHSEAVWNSLIKFISNSPVFTFVVEGVESIEVVRKLCGATEPKLAIPGTIRGDFSYHSFKYSNEKGFSIYNVIHASANE
ADAMREIPIWFKDNEILNYKRDDECEHYYC
;
_entity_poly.pdbx_strand_id   A,B,C,D,E,F
#
# COMPACT_ATOMS: atom_id res chain seq x y z
N MET A 22 -1.62 8.52 33.84
CA MET A 22 -0.53 8.50 34.87
C MET A 22 0.55 9.53 34.56
N SER A 23 1.27 9.32 33.47
CA SER A 23 2.37 10.22 33.11
C SER A 23 1.89 11.53 32.50
N MET A 24 2.56 12.63 32.85
CA MET A 24 2.28 13.97 32.29
C MET A 24 2.56 14.09 30.79
N LEU A 25 3.43 13.21 30.28
CA LEU A 25 3.78 13.17 28.85
C LEU A 25 2.65 12.71 27.93
N LEU A 26 1.66 12.01 28.47
CA LEU A 26 0.47 11.64 27.72
C LEU A 26 -0.33 12.87 27.36
N GLN A 27 -0.54 13.06 26.06
CA GLN A 27 -1.29 14.21 25.54
C GLN A 27 -2.39 13.80 24.59
N LYS A 28 -3.37 14.70 24.45
CA LYS A 28 -4.35 14.63 23.39
C LYS A 28 -4.16 15.85 22.47
N THR A 29 -4.44 15.65 21.19
CA THR A 29 -4.27 16.72 20.20
C THR A 29 -5.48 16.71 19.25
N LEU A 30 -5.92 17.88 18.83
CA LEU A 30 -7.05 17.93 17.92
C LEU A 30 -6.54 17.83 16.49
N CYS A 31 -7.16 16.97 15.68
CA CYS A 31 -6.87 16.88 14.24
C CYS A 31 -8.13 17.09 13.45
N ILE A 32 -7.99 17.79 12.33
CA ILE A 32 -9.06 18.03 11.38
C ILE A 32 -8.51 17.66 10.01
N VAL A 33 -9.16 16.69 9.37
CA VAL A 33 -9.00 16.52 7.94
C VAL A 33 -9.82 17.63 7.29
N LYS A 34 -9.14 18.52 6.60
CA LYS A 34 -9.73 19.73 6.03
C LYS A 34 -10.67 19.41 4.85
N PRO A 35 -11.40 20.44 4.35
CA PRO A 35 -12.31 20.18 3.23
C PRO A 35 -11.61 19.64 1.98
N ASP A 36 -10.45 20.20 1.62
CA ASP A 36 -9.68 19.66 0.50
C ASP A 36 -9.49 18.15 0.70
N GLY A 37 -9.00 17.75 1.87
CA GLY A 37 -8.83 16.34 2.23
C GLY A 37 -10.11 15.53 2.13
N VAL A 38 -11.20 16.07 2.69
CA VAL A 38 -12.48 15.38 2.68
C VAL A 38 -12.96 15.15 1.25
N ARG A 39 -13.02 16.23 0.47
CA ARG A 39 -13.51 16.18 -0.91
C ARG A 39 -12.63 15.29 -1.80
N ARG A 40 -11.38 15.09 -1.42
CA ARG A 40 -10.50 14.24 -2.23
C ARG A 40 -10.54 12.76 -1.80
N GLY A 41 -11.38 12.45 -0.82
CA GLY A 41 -11.48 11.09 -0.29
C GLY A 41 -10.24 10.61 0.46
N LEU A 42 -9.59 11.49 1.24
CA LEU A 42 -8.35 11.15 1.96
C LEU A 42 -8.48 10.85 3.48
N ILE A 43 -9.70 10.69 3.99
CA ILE A 43 -9.88 10.60 5.44
C ILE A 43 -9.23 9.33 5.96
N GLY A 44 -9.46 8.22 5.24
CA GLY A 44 -8.87 6.92 5.58
C GLY A 44 -7.36 6.92 5.56
N ASP A 45 -6.79 7.34 4.42
CA ASP A 45 -5.34 7.48 4.27
C ASP A 45 -4.76 8.23 5.46
N VAL A 46 -5.39 9.36 5.84
CA VAL A 46 -4.91 10.16 6.96
C VAL A 46 -4.96 9.42 8.29
N VAL A 47 -6.12 8.85 8.63
CA VAL A 47 -6.30 8.11 9.87
C VAL A 47 -5.33 6.94 10.01
N SER A 48 -5.15 6.15 8.94
CA SER A 48 -4.18 5.04 8.92
C SER A 48 -2.80 5.44 9.37
N ARG A 49 -2.36 6.63 8.97
CA ARG A 49 -1.00 7.11 9.30
C ARG A 49 -0.82 7.21 10.81
N PHE A 50 -1.85 7.69 11.49
CA PHE A 50 -1.82 7.85 12.93
C PHE A 50 -2.00 6.50 13.62
N GLU A 51 -2.93 5.68 13.13
CA GLU A 51 -3.10 4.33 13.69
C GLU A 51 -1.84 3.49 13.53
N ARG A 52 -1.12 3.68 12.41
CA ARG A 52 0.01 2.85 12.05
C ARG A 52 1.21 3.03 13.00
N VAL A 53 1.49 4.27 13.43
CA VAL A 53 2.57 4.50 14.38
C VAL A 53 2.23 4.06 15.80
N GLY A 54 0.92 3.89 16.10
CA GLY A 54 0.46 3.48 17.43
C GLY A 54 -0.36 4.51 18.21
N LEU A 55 -0.67 5.65 17.58
CA LEU A 55 -1.51 6.66 18.21
C LEU A 55 -2.93 6.19 18.21
N LYS A 56 -3.70 6.63 19.20
CA LYS A 56 -5.03 6.12 19.40
C LYS A 56 -6.08 7.19 19.13
N MET A 57 -7.04 6.87 18.26
CA MET A 57 -8.21 7.72 18.05
C MET A 57 -9.19 7.61 19.23
N VAL A 58 -9.43 8.72 19.93
CA VAL A 58 -10.29 8.72 21.11
C VAL A 58 -11.57 9.53 20.94
N ALA A 59 -11.78 10.09 19.75
CA ALA A 59 -13.00 10.85 19.40
C ALA A 59 -13.01 11.16 17.93
N ALA A 60 -14.19 11.20 17.34
CA ALA A 60 -14.32 11.53 15.92
C ALA A 60 -15.70 12.05 15.59
N LYS A 61 -15.76 13.11 14.81
CA LYS A 61 -17.02 13.50 14.21
C LYS A 61 -16.90 14.13 12.83
N MET A 62 -17.90 13.90 12.01
CA MET A 62 -17.95 14.53 10.71
C MET A 62 -19.03 15.60 10.76
N LEU A 63 -18.71 16.79 10.25
N LEU A 63 -18.71 16.79 10.26
CA LEU A 63 -19.67 17.88 10.24
CA LEU A 63 -19.68 17.89 10.24
C LEU A 63 -19.37 18.94 9.17
C LEU A 63 -19.38 18.94 9.18
N ILE A 64 -20.41 19.68 8.80
CA ILE A 64 -20.28 20.91 8.01
C ILE A 64 -20.01 22.02 9.02
N VAL A 65 -18.89 22.73 8.89
CA VAL A 65 -18.48 23.80 9.79
C VAL A 65 -19.24 25.07 9.46
N ASP A 66 -19.95 25.63 10.44
CA ASP A 66 -20.56 26.95 10.23
C ASP A 66 -19.62 28.08 10.67
N GLU A 67 -19.96 29.28 10.17
CA GLU A 67 -19.15 30.49 10.35
C GLU A 67 -18.74 30.68 11.81
N SER A 68 -19.74 30.56 12.69
CA SER A 68 -19.55 30.73 14.12
C SER A 68 -18.46 29.80 14.66
N LEU A 69 -18.58 28.52 14.36
CA LEU A 69 -17.58 27.53 14.77
C LEU A 69 -16.21 27.81 14.13
N ALA A 70 -16.19 28.24 12.89
CA ALA A 70 -14.95 28.57 12.22
C ALA A 70 -14.26 29.72 12.91
N LYS A 71 -15.07 30.64 13.44
CA LYS A 71 -14.55 31.81 14.13
C LYS A 71 -14.02 31.47 15.53
N LYS A 72 -14.59 30.46 16.20
CA LYS A 72 -14.01 29.94 17.43
C LYS A 72 -12.71 29.16 17.16
N HIS A 73 -12.64 28.43 16.07
CA HIS A 73 -11.43 27.63 15.81
C HIS A 73 -10.25 28.49 15.42
N TYR A 74 -10.46 29.37 14.45
CA TYR A 74 -9.45 30.33 14.05
C TYR A 74 -9.79 31.70 14.65
N LEU A 75 -9.11 32.04 15.75
CA LEU A 75 -9.42 33.26 16.52
C LEU A 75 -8.91 34.52 15.81
N TYR A 76 -9.82 35.45 15.53
CA TYR A 76 -9.47 36.73 14.91
C TYR A 76 -8.25 37.37 15.58
N ASP A 77 -8.32 37.56 16.89
CA ASP A 77 -7.28 38.28 17.61
C ASP A 77 -5.89 37.70 17.41
N ASP A 78 -5.79 36.37 17.47
CA ASP A 78 -4.51 35.68 17.28
C ASP A 78 -3.97 35.72 15.86
N ILE A 79 -4.83 35.36 14.90
CA ILE A 79 -4.44 35.27 13.50
C ILE A 79 -4.09 36.65 12.97
N VAL A 80 -4.85 37.65 13.38
CA VAL A 80 -4.56 39.04 13.01
C VAL A 80 -3.25 39.50 13.65
N PHE A 81 -3.06 39.19 14.92
CA PHE A 81 -1.82 39.55 15.62
C PHE A 81 -0.59 38.96 14.89
N ARG A 82 -0.67 37.70 14.51
CA ARG A 82 0.48 36.95 14.00
C ARG A 82 0.71 37.10 12.47
N HIS A 83 -0.38 37.34 11.73
CA HIS A 83 -0.35 37.33 10.27
C HIS A 83 -1.05 38.55 9.71
N SER A 84 -2.31 38.43 9.29
CA SER A 84 -3.11 39.59 8.87
C SER A 84 -4.59 39.23 8.88
N GLU A 85 -5.42 40.23 8.79
CA GLU A 85 -6.86 40.05 8.63
C GLU A 85 -7.16 39.23 7.36
N ALA A 86 -6.37 39.44 6.31
CA ALA A 86 -6.54 38.74 5.03
C ALA A 86 -6.28 37.25 5.19
N VAL A 87 -5.29 36.87 5.98
CA VAL A 87 -5.01 35.45 6.24
C VAL A 87 -6.20 34.81 6.96
N TRP A 88 -6.76 35.55 7.91
CA TRP A 88 -7.91 35.10 8.68
C TRP A 88 -9.15 34.95 7.82
N ASN A 89 -9.51 36.00 7.07
CA ASN A 89 -10.55 35.88 6.05
C ASN A 89 -10.38 34.60 5.21
N SER A 90 -9.19 34.38 4.64
CA SER A 90 -8.93 33.20 3.81
C SER A 90 -9.08 31.83 4.52
N LEU A 91 -8.77 31.75 5.82
CA LEU A 91 -9.00 30.55 6.64
C LEU A 91 -10.49 30.28 6.85
N ILE A 92 -11.20 31.35 7.22
CA ILE A 92 -12.65 31.33 7.45
C ILE A 92 -13.41 30.89 6.19
N LYS A 93 -13.05 31.46 5.04
CA LYS A 93 -13.73 31.11 3.78
C LYS A 93 -13.46 29.65 3.39
N PHE A 94 -12.27 29.14 3.71
CA PHE A 94 -11.88 27.78 3.35
C PHE A 94 -12.76 26.77 4.07
N ILE A 95 -12.95 26.99 5.37
CA ILE A 95 -13.55 26.02 6.26
C ILE A 95 -15.08 26.23 6.45
N SER A 96 -15.59 27.44 6.27
CA SER A 96 -17.00 27.73 6.54
C SER A 96 -17.93 27.15 5.52
N ASN A 97 -18.99 26.50 6.03
CA ASN A 97 -19.99 25.85 5.19
CA ASN A 97 -20.00 25.83 5.22
C ASN A 97 -19.41 24.70 4.35
N SER A 98 -18.25 24.21 4.77
CA SER A 98 -17.58 23.06 4.13
C SER A 98 -17.50 21.86 5.07
N PRO A 99 -17.33 20.66 4.50
CA PRO A 99 -17.22 19.48 5.34
C PRO A 99 -15.83 19.27 5.94
N VAL A 100 -15.79 18.82 7.19
CA VAL A 100 -14.54 18.38 7.79
C VAL A 100 -14.71 17.06 8.57
N PHE A 101 -13.59 16.37 8.75
CA PHE A 101 -13.52 15.23 9.64
C PHE A 101 -12.57 15.56 10.78
N THR A 102 -13.15 15.65 11.99
CA THR A 102 -12.42 16.08 13.16
C THR A 102 -12.27 14.93 14.14
N PHE A 103 -11.07 14.82 14.71
CA PHE A 103 -10.77 13.72 15.60
C PHE A 103 -9.68 14.07 16.62
N VAL A 104 -9.64 13.30 17.69
CA VAL A 104 -8.67 13.49 18.74
C VAL A 104 -7.78 12.26 18.79
N VAL A 105 -6.47 12.51 18.88
CA VAL A 105 -5.50 11.46 18.93
C VAL A 105 -4.82 11.53 20.30
N GLU A 106 -4.77 10.39 20.99
CA GLU A 106 -4.07 10.29 22.30
C GLU A 106 -2.78 9.49 22.20
N GLY A 107 -1.77 9.88 22.98
CA GLY A 107 -0.50 9.13 23.06
C GLY A 107 0.63 9.85 23.78
N VAL A 108 1.77 9.16 23.91
CA VAL A 108 3.00 9.73 24.49
C VAL A 108 3.50 10.90 23.63
N GLU A 109 3.45 12.11 24.19
CA GLU A 109 3.93 13.32 23.50
C GLU A 109 3.31 13.46 22.11
N SER A 110 2.02 13.15 22.02
CA SER A 110 1.33 13.06 20.75
C SER A 110 1.27 14.37 19.93
N ILE A 111 1.22 15.53 20.59
CA ILE A 111 1.20 16.82 19.88
C ILE A 111 2.42 16.93 18.97
N GLU A 112 3.61 16.77 19.53
CA GLU A 112 4.86 16.78 18.77
C GLU A 112 4.91 15.73 17.65
N VAL A 113 4.49 14.50 17.95
CA VAL A 113 4.54 13.40 16.99
C VAL A 113 3.58 13.62 15.83
N VAL A 114 2.39 14.11 16.15
CA VAL A 114 1.41 14.45 15.13
C VAL A 114 1.95 15.58 14.25
N ARG A 115 2.54 16.61 14.84
CA ARG A 115 3.22 17.64 14.02
C ARG A 115 4.24 16.98 13.09
N LYS A 116 5.03 16.05 13.62
CA LYS A 116 6.03 15.35 12.81
C LYS A 116 5.41 14.62 11.62
N LEU A 117 4.25 13.98 11.84
CA LEU A 117 3.65 13.16 10.81
C LEU A 117 2.95 13.98 9.73
N CYS A 118 2.45 15.16 10.10
CA CYS A 118 1.75 16.03 9.14
C CYS A 118 2.72 16.66 8.12
N GLY A 119 3.92 17.02 8.59
CA GLY A 119 4.91 17.68 7.72
C GLY A 119 4.76 19.19 7.76
N ALA A 120 5.63 19.89 7.07
CA ALA A 120 5.63 21.35 7.09
C ALA A 120 4.29 21.88 6.63
N THR A 121 3.90 23.02 7.17
CA THR A 121 2.64 23.72 6.84
C THR A 121 2.48 23.90 5.33
N GLU A 122 3.56 24.26 4.65
CA GLU A 122 3.55 24.40 3.18
C GLU A 122 3.78 23.05 2.48
N PRO A 123 2.78 22.56 1.71
CA PRO A 123 2.94 21.28 1.00
C PRO A 123 4.16 21.25 0.07
N LYS A 124 4.47 22.36 -0.58
CA LYS A 124 5.65 22.39 -1.43
C LYS A 124 6.91 21.94 -0.68
N LEU A 125 7.07 22.45 0.54
CA LEU A 125 8.20 22.07 1.40
C LEU A 125 8.01 20.78 2.20
N ALA A 126 6.77 20.32 2.37
CA ALA A 126 6.53 19.16 3.23
C ALA A 126 7.30 17.94 2.70
N ILE A 127 7.96 17.24 3.63
CA ILE A 127 8.90 16.20 3.27
C ILE A 127 8.13 14.94 2.84
N PRO A 128 8.62 14.22 1.79
CA PRO A 128 7.96 12.95 1.41
C PRO A 128 7.98 11.97 2.58
N GLY A 129 6.91 11.18 2.75
CA GLY A 129 6.69 10.37 3.95
C GLY A 129 5.68 10.95 4.95
N THR A 130 5.59 12.28 5.00
CA THR A 130 4.59 13.00 5.78
C THR A 130 3.25 13.02 5.03
N ILE A 131 2.16 13.24 5.77
CA ILE A 131 0.83 13.38 5.19
C ILE A 131 0.77 14.48 4.12
N ARG A 132 1.28 15.67 4.45
CA ARG A 132 1.23 16.78 3.51
C ARG A 132 2.19 16.56 2.36
N GLY A 133 3.36 16.02 2.65
CA GLY A 133 4.33 15.68 1.64
C GLY A 133 3.87 14.64 0.62
N ASP A 134 3.01 13.71 1.04
CA ASP A 134 2.59 12.59 0.21
C ASP A 134 1.28 12.87 -0.53
N PHE A 135 0.45 13.76 0.03
CA PHE A 135 -0.89 14.01 -0.48
C PHE A 135 -1.16 15.41 -1.05
N SER A 136 -0.23 16.35 -0.90
CA SER A 136 -0.42 17.70 -1.45
C SER A 136 0.93 18.26 -1.91
N TYR A 137 0.93 19.36 -2.66
CA TYR A 137 2.19 19.92 -3.17
C TYR A 137 2.28 21.44 -3.35
N HIS A 138 1.15 22.14 -3.39
CA HIS A 138 1.21 23.57 -3.77
C HIS A 138 1.83 24.50 -2.72
N SER A 139 2.18 25.71 -3.14
CA SER A 139 3.05 26.64 -2.37
C SER A 139 2.33 27.85 -1.81
N PHE A 140 2.85 28.40 -0.71
CA PHE A 140 2.28 29.62 -0.12
C PHE A 140 2.26 30.76 -1.13
N LYS A 141 3.32 30.83 -1.93
CA LYS A 141 3.50 31.91 -2.87
C LYS A 141 2.36 31.89 -3.89
N TYR A 142 2.00 30.69 -4.32
CA TYR A 142 0.84 30.52 -5.18
C TYR A 142 -0.48 30.87 -4.50
N SER A 143 -0.65 30.42 -3.27
CA SER A 143 -1.91 30.62 -2.56
C SER A 143 -2.10 32.10 -2.25
N ASN A 144 -1.03 32.79 -1.87
CA ASN A 144 -1.04 34.25 -1.72
C ASN A 144 -1.34 34.99 -3.02
N GLU A 145 -0.81 34.52 -4.14
CA GLU A 145 -1.09 35.13 -5.44
C GLU A 145 -2.58 35.01 -5.79
N LYS A 146 -3.17 33.86 -5.45
CA LYS A 146 -4.55 33.61 -5.81
C LYS A 146 -5.53 34.15 -4.76
N GLY A 147 -5.00 34.51 -3.59
CA GLY A 147 -5.81 35.03 -2.48
C GLY A 147 -6.58 33.97 -1.72
N PHE A 148 -6.04 32.75 -1.69
CA PHE A 148 -6.66 31.65 -0.93
C PHE A 148 -5.71 31.21 0.16
N SER A 149 -6.29 30.59 1.18
CA SER A 149 -5.53 29.80 2.13
C SER A 149 -4.84 28.63 1.40
N ILE A 150 -3.69 28.22 1.92
CA ILE A 150 -3.06 26.98 1.48
C ILE A 150 -3.99 25.79 1.78
N TYR A 151 -4.10 24.85 0.85
CA TYR A 151 -4.88 23.65 1.08
C TYR A 151 -3.90 22.52 1.39
N ASN A 152 -3.75 22.24 2.67
CA ASN A 152 -2.72 21.34 3.13
C ASN A 152 -3.28 20.22 3.98
N VAL A 153 -4.48 19.78 3.58
CA VAL A 153 -5.05 18.48 3.96
C VAL A 153 -5.50 18.37 5.41
N ILE A 154 -4.68 18.81 6.34
CA ILE A 154 -4.91 18.52 7.75
C ILE A 154 -4.51 19.71 8.63
N HIS A 155 -5.21 19.85 9.77
CA HIS A 155 -4.85 20.75 10.84
C HIS A 155 -4.51 19.87 12.00
N ALA A 156 -3.50 20.27 12.76
CA ALA A 156 -3.15 19.60 14.01
C ALA A 156 -2.79 20.65 15.03
N SER A 157 -3.23 20.48 16.27
CA SER A 157 -2.92 21.43 17.33
C SER A 157 -1.43 21.69 17.33
N ALA A 158 -1.05 22.97 17.34
CA ALA A 158 0.36 23.36 17.21
C ALA A 158 1.16 23.06 18.49
N ASN A 159 0.52 23.19 19.65
CA ASN A 159 1.18 22.99 20.94
C ASN A 159 0.15 22.66 22.02
N GLU A 160 0.63 22.50 23.25
CA GLU A 160 -0.19 22.09 24.39
C GLU A 160 -1.35 23.05 24.70
N ALA A 161 -1.06 24.35 24.78
CA ALA A 161 -2.09 25.36 25.01
C ALA A 161 -3.16 25.34 23.89
N ASP A 162 -2.74 25.31 22.64
CA ASP A 162 -3.68 25.14 21.54
C ASP A 162 -4.58 23.91 21.66
N ALA A 163 -3.99 22.74 21.90
CA ALA A 163 -4.83 21.53 22.05
C ALA A 163 -5.84 21.65 23.19
N MET A 164 -5.43 22.24 24.31
CA MET A 164 -6.31 22.43 25.47
C MET A 164 -7.47 23.37 25.13
N ARG A 165 -7.22 24.34 24.25
CA ARG A 165 -8.28 25.23 23.79
C ARG A 165 -9.15 24.59 22.69
N GLU A 166 -8.50 24.00 21.69
CA GLU A 166 -9.20 23.46 20.50
C GLU A 166 -10.15 22.28 20.74
N ILE A 167 -9.73 21.29 21.55
CA ILE A 167 -10.53 20.08 21.79
C ILE A 167 -11.98 20.36 22.27
N PRO A 168 -12.15 21.15 23.36
CA PRO A 168 -13.50 21.44 23.89
C PRO A 168 -14.39 22.23 22.95
N ILE A 169 -13.80 22.97 22.01
CA ILE A 169 -14.57 23.65 20.98
C ILE A 169 -15.23 22.64 20.05
N TRP A 170 -14.55 21.54 19.78
CA TRP A 170 -15.04 20.54 18.82
C TRP A 170 -15.75 19.39 19.48
N PHE A 171 -15.39 19.08 20.72
CA PHE A 171 -15.92 17.90 21.36
C PHE A 171 -16.46 18.20 22.77
N LYS A 172 -17.61 17.64 23.10
CA LYS A 172 -18.02 17.68 24.50
C LYS A 172 -17.15 16.68 25.23
N ASP A 173 -17.06 16.81 26.55
CA ASP A 173 -16.19 15.93 27.32
C ASP A 173 -16.59 14.46 27.21
N ASN A 174 -17.89 14.21 27.08
CA ASN A 174 -18.41 12.84 26.97
C ASN A 174 -18.28 12.24 25.56
N GLU A 175 -17.59 12.96 24.67
CA GLU A 175 -17.31 12.42 23.35
C GLU A 175 -15.85 11.99 23.26
N ILE A 176 -15.11 12.20 24.34
CA ILE A 176 -13.73 11.70 24.43
C ILE A 176 -13.77 10.32 25.08
N LEU A 177 -13.36 9.32 24.31
CA LEU A 177 -13.52 7.94 24.73
C LEU A 177 -12.31 7.41 25.50
N ASN A 178 -12.57 6.49 26.42
CA ASN A 178 -11.51 5.86 27.14
C ASN A 178 -11.53 4.34 26.94
N TYR A 179 -10.48 3.81 26.31
CA TYR A 179 -10.37 2.39 26.00
C TYR A 179 -8.91 2.03 25.72
N LYS A 180 -8.64 0.73 25.59
CA LYS A 180 -7.29 0.25 25.31
C LYS A 180 -7.17 -0.34 23.91
N ARG A 181 -6.22 0.18 23.15
CA ARG A 181 -5.78 -0.45 21.91
C ARG A 181 -5.12 -1.78 22.24
N ASP A 182 -5.23 -2.76 21.33
CA ASP A 182 -4.60 -4.04 21.59
C ASP A 182 -3.09 -3.96 21.70
N ASP A 183 -2.48 -2.99 21.00
CA ASP A 183 -1.02 -2.80 21.11
C ASP A 183 -0.58 -1.84 22.25
N GLU A 184 -1.47 -1.60 23.21
CA GLU A 184 -1.18 -0.62 24.26
C GLU A 184 0.14 -0.90 25.00
N CYS A 185 0.40 -2.16 25.33
CA CYS A 185 1.59 -2.52 26.11
C CYS A 185 2.90 -2.25 25.39
N GLU A 186 2.83 -2.04 24.08
CA GLU A 186 4.01 -1.75 23.27
C GLU A 186 4.29 -0.25 23.25
N HIS A 187 3.29 0.55 23.61
CA HIS A 187 3.44 1.99 23.57
C HIS A 187 3.46 2.62 24.93
N TYR A 188 2.58 2.18 25.81
CA TYR A 188 2.54 2.73 27.17
C TYR A 188 3.22 1.84 28.20
N TYR A 189 3.49 0.59 27.84
CA TYR A 189 3.94 -0.45 28.78
C TYR A 189 2.81 -0.87 29.70
N CYS A 190 2.83 -2.12 30.14
CA CYS A 190 1.78 -2.63 31.04
C CYS A 190 2.38 -3.09 32.36
N MET B 22 -33.21 13.60 -8.15
CA MET B 22 -32.28 12.54 -7.66
C MET B 22 -32.85 11.17 -7.98
N SER B 23 -32.01 10.29 -8.52
CA SER B 23 -32.36 8.90 -8.78
C SER B 23 -32.71 8.16 -7.50
N MET B 24 -33.71 7.27 -7.56
CA MET B 24 -34.04 6.37 -6.43
C MET B 24 -32.95 5.32 -6.18
N LEU B 25 -31.96 5.26 -7.06
CA LEU B 25 -30.83 4.35 -6.89
C LEU B 25 -29.78 4.87 -5.90
N LEU B 26 -29.82 6.16 -5.59
CA LEU B 26 -28.92 6.76 -4.61
C LEU B 26 -29.32 6.31 -3.21
N GLN B 27 -28.39 5.65 -2.52
CA GLN B 27 -28.67 5.04 -1.22
C GLN B 27 -27.62 5.44 -0.19
N LYS B 28 -28.06 5.45 1.07
CA LYS B 28 -27.19 5.60 2.21
C LYS B 28 -27.26 4.29 2.98
N THR B 29 -26.10 3.87 3.49
CA THR B 29 -26.01 2.65 4.28
C THR B 29 -25.24 2.91 5.57
N LEU B 30 -25.61 2.19 6.63
CA LEU B 30 -24.94 2.34 7.92
C LEU B 30 -23.76 1.36 8.12
N CYS B 31 -22.56 1.90 8.36
CA CYS B 31 -21.41 1.05 8.68
C CYS B 31 -20.89 1.27 10.07
N ILE B 32 -20.45 0.19 10.69
CA ILE B 32 -19.79 0.31 11.97
C ILE B 32 -18.46 -0.43 11.94
N VAL B 33 -17.38 0.24 12.33
CA VAL B 33 -16.16 -0.47 12.63
C VAL B 33 -16.35 -0.99 14.05
N LYS B 34 -16.37 -2.31 14.19
CA LYS B 34 -16.71 -2.94 15.45
C LYS B 34 -15.52 -2.85 16.42
N PRO B 35 -15.75 -3.14 17.71
CA PRO B 35 -14.68 -3.03 18.71
C PRO B 35 -13.40 -3.78 18.34
N ASP B 36 -13.52 -4.96 17.72
CA ASP B 36 -12.31 -5.66 17.23
C ASP B 36 -11.51 -4.80 16.25
N GLY B 37 -12.20 -4.15 15.31
CA GLY B 37 -11.53 -3.29 14.33
C GLY B 37 -10.89 -2.05 14.94
N VAL B 38 -11.56 -1.48 15.95
CA VAL B 38 -11.07 -0.27 16.60
C VAL B 38 -9.86 -0.62 17.44
N ARG B 39 -9.99 -1.65 18.30
CA ARG B 39 -8.86 -2.09 19.13
C ARG B 39 -7.63 -2.53 18.31
N ARG B 40 -7.85 -2.90 17.05
CA ARG B 40 -6.76 -3.34 16.18
C ARG B 40 -6.17 -2.21 15.31
N GLY B 41 -6.76 -1.02 15.38
CA GLY B 41 -6.30 0.13 14.63
C GLY B 41 -6.60 0.03 13.15
N LEU B 42 -7.81 -0.46 12.81
CA LEU B 42 -8.20 -0.69 11.41
C LEU B 42 -9.18 0.32 10.80
N ILE B 43 -9.54 1.35 11.58
CA ILE B 43 -10.52 2.37 11.13
C ILE B 43 -10.11 2.95 9.75
N GLY B 44 -8.88 3.45 9.65
CA GLY B 44 -8.38 4.08 8.42
C GLY B 44 -8.41 3.13 7.23
N ASP B 45 -7.88 1.93 7.45
CA ASP B 45 -7.89 0.87 6.46
C ASP B 45 -9.30 0.61 5.96
N VAL B 46 -10.28 0.53 6.86
CA VAL B 46 -11.67 0.30 6.48
C VAL B 46 -12.24 1.43 5.64
N VAL B 47 -12.16 2.66 6.15
CA VAL B 47 -12.66 3.82 5.44
C VAL B 47 -12.05 3.97 4.04
N SER B 48 -10.73 3.77 3.93
CA SER B 48 -10.04 3.87 2.65
C SER B 48 -10.65 3.00 1.56
N ARG B 49 -11.05 1.79 1.93
CA ARG B 49 -11.60 0.83 0.97
C ARG B 49 -12.85 1.43 0.32
N PHE B 50 -13.65 2.15 1.12
CA PHE B 50 -14.89 2.77 0.66
C PHE B 50 -14.62 4.05 -0.12
N GLU B 51 -13.75 4.90 0.40
CA GLU B 51 -13.36 6.12 -0.30
C GLU B 51 -12.74 5.75 -1.66
N ARG B 52 -11.97 4.66 -1.69
CA ARG B 52 -11.20 4.28 -2.90
C ARG B 52 -12.08 3.89 -4.10
N VAL B 53 -13.20 3.20 -3.86
CA VAL B 53 -14.11 2.85 -4.98
C VAL B 53 -14.98 4.05 -5.42
N GLY B 54 -15.06 5.08 -4.58
CA GLY B 54 -15.83 6.28 -4.92
C GLY B 54 -17.04 6.54 -4.06
N LEU B 55 -17.31 5.64 -3.11
CA LEU B 55 -18.37 5.86 -2.13
C LEU B 55 -18.02 7.06 -1.27
N LYS B 56 -19.03 7.70 -0.72
CA LYS B 56 -18.85 8.96 -0.01
C LYS B 56 -19.27 8.91 1.46
N MET B 57 -18.36 9.31 2.35
CA MET B 57 -18.70 9.35 3.76
C MET B 57 -19.52 10.60 4.05
N VAL B 58 -20.71 10.41 4.58
CA VAL B 58 -21.62 11.55 4.85
C VAL B 58 -21.92 11.78 6.34
N ALA B 59 -21.34 10.95 7.21
CA ALA B 59 -21.52 11.07 8.65
C ALA B 59 -20.54 10.13 9.31
N ALA B 60 -20.05 10.53 10.49
CA ALA B 60 -19.13 9.71 11.25
C ALA B 60 -19.19 10.13 12.72
N LYS B 61 -19.09 9.15 13.60
CA LYS B 61 -18.83 9.40 15.01
C LYS B 61 -18.26 8.17 15.74
N MET B 62 -17.47 8.45 16.77
CA MET B 62 -16.93 7.43 17.62
C MET B 62 -17.60 7.49 18.99
N LEU B 63 -17.96 6.32 19.53
CA LEU B 63 -18.61 6.29 20.84
C LEU B 63 -18.47 4.94 21.53
N ILE B 64 -18.58 4.96 22.86
CA ILE B 64 -18.74 3.74 23.64
C ILE B 64 -20.23 3.42 23.56
N VAL B 65 -20.56 2.19 23.18
CA VAL B 65 -21.94 1.80 22.97
C VAL B 65 -22.52 1.29 24.28
N ASP B 66 -23.52 1.96 24.85
CA ASP B 66 -24.14 1.32 26.01
C ASP B 66 -25.17 0.26 25.62
N GLU B 67 -25.50 -0.61 26.57
CA GLU B 67 -26.40 -1.73 26.33
C GLU B 67 -27.69 -1.32 25.61
N SER B 68 -28.32 -0.24 26.05
CA SER B 68 -29.58 0.17 25.41
C SER B 68 -29.45 0.52 23.91
N LEU B 69 -28.39 1.24 23.54
CA LEU B 69 -28.09 1.50 22.13
C LEU B 69 -27.84 0.21 21.34
N ALA B 70 -27.11 -0.72 21.94
CA ALA B 70 -26.89 -2.06 21.40
C ALA B 70 -28.19 -2.78 21.15
N LYS B 71 -29.14 -2.61 22.06
CA LYS B 71 -30.43 -3.30 21.96
C LYS B 71 -31.41 -2.64 20.99
N LYS B 72 -31.09 -1.41 20.61
CA LYS B 72 -31.80 -0.71 19.55
C LYS B 72 -31.22 -1.17 18.22
N HIS B 73 -29.90 -1.31 18.14
CA HIS B 73 -29.26 -1.73 16.92
C HIS B 73 -29.51 -3.20 16.61
N TYR B 74 -29.34 -4.06 17.60
CA TYR B 74 -29.70 -5.46 17.43
C TYR B 74 -31.04 -5.72 18.10
N LEU B 75 -32.11 -5.63 17.32
CA LEU B 75 -33.46 -5.78 17.85
C LEU B 75 -33.69 -7.21 18.26
N TYR B 76 -34.17 -7.38 19.49
CA TYR B 76 -34.55 -8.69 20.02
C TYR B 76 -35.37 -9.55 19.04
N ASP B 77 -36.44 -8.98 18.48
CA ASP B 77 -37.34 -9.74 17.61
C ASP B 77 -36.73 -10.14 16.26
N ASP B 78 -35.89 -9.27 15.67
CA ASP B 78 -35.18 -9.57 14.42
C ASP B 78 -34.14 -10.67 14.62
N ILE B 79 -33.32 -10.51 15.65
CA ILE B 79 -32.22 -11.45 15.92
C ILE B 79 -32.70 -12.83 16.40
N VAL B 80 -33.76 -12.87 17.20
CA VAL B 80 -34.28 -14.16 17.68
C VAL B 80 -35.10 -14.88 16.59
N PHE B 81 -35.70 -14.13 15.66
CA PHE B 81 -36.36 -14.70 14.49
C PHE B 81 -35.30 -15.30 13.57
N ARG B 82 -34.38 -14.45 13.10
CA ARG B 82 -33.32 -14.90 12.19
C ARG B 82 -32.33 -15.90 12.81
N HIS B 83 -32.10 -15.84 14.12
CA HIS B 83 -31.11 -16.73 14.79
C HIS B 83 -31.58 -17.37 16.10
N SER B 84 -31.13 -16.82 17.24
CA SER B 84 -31.53 -17.32 18.58
C SER B 84 -31.35 -16.26 19.66
N GLU B 85 -31.85 -16.53 20.87
CA GLU B 85 -31.67 -15.62 22.01
C GLU B 85 -30.20 -15.57 22.45
N ALA B 86 -29.51 -16.71 22.35
CA ALA B 86 -28.09 -16.79 22.72
C ALA B 86 -27.23 -15.91 21.82
N VAL B 87 -27.56 -15.90 20.53
CA VAL B 87 -26.85 -15.11 19.54
C VAL B 87 -27.07 -13.60 19.80
N TRP B 88 -28.30 -13.23 20.18
CA TRP B 88 -28.62 -11.86 20.53
C TRP B 88 -27.82 -11.38 21.70
N ASN B 89 -27.77 -12.19 22.75
CA ASN B 89 -26.95 -11.91 23.93
C ASN B 89 -25.48 -11.75 23.62
N SER B 90 -24.96 -12.64 22.76
CA SER B 90 -23.60 -12.55 22.22
C SER B 90 -23.32 -11.25 21.44
N LEU B 91 -24.23 -10.91 20.54
CA LEU B 91 -24.13 -9.66 19.80
C LEU B 91 -24.10 -8.47 20.76
N ILE B 92 -24.95 -8.49 21.78
CA ILE B 92 -25.01 -7.41 22.76
C ILE B 92 -23.75 -7.42 23.62
N LYS B 93 -23.31 -8.60 24.07
CA LYS B 93 -22.13 -8.66 24.93
C LYS B 93 -20.90 -8.10 24.20
N PHE B 94 -20.82 -8.36 22.89
CA PHE B 94 -19.67 -7.97 22.06
C PHE B 94 -19.54 -6.46 21.94
N ILE B 95 -20.63 -5.75 21.62
CA ILE B 95 -20.55 -4.32 21.42
C ILE B 95 -20.74 -3.42 22.66
N SER B 96 -21.42 -3.93 23.69
CA SER B 96 -21.72 -3.13 24.89
C SER B 96 -20.48 -2.71 25.67
N ASN B 97 -20.47 -1.45 26.10
CA ASN B 97 -19.34 -0.86 26.84
CA ASN B 97 -19.35 -0.84 26.82
C ASN B 97 -18.01 -0.97 26.08
N SER B 98 -18.08 -0.93 24.75
CA SER B 98 -16.90 -1.06 23.87
C SER B 98 -16.97 0.03 22.79
N PRO B 99 -15.80 0.48 22.30
CA PRO B 99 -15.81 1.60 21.35
C PRO B 99 -16.17 1.14 19.93
N VAL B 100 -16.84 2.01 19.19
CA VAL B 100 -17.10 1.77 17.78
C VAL B 100 -16.88 3.05 17.02
N PHE B 101 -16.60 2.92 15.73
CA PHE B 101 -16.58 4.01 14.78
C PHE B 101 -17.71 3.81 13.78
N THR B 102 -18.75 4.63 13.89
CA THR B 102 -19.93 4.52 13.05
C THR B 102 -19.93 5.62 12.01
N PHE B 103 -20.25 5.22 10.78
CA PHE B 103 -20.29 6.14 9.70
C PHE B 103 -21.36 5.71 8.70
N VAL B 104 -21.73 6.67 7.86
CA VAL B 104 -22.69 6.46 6.82
C VAL B 104 -22.04 6.74 5.46
N VAL B 105 -22.33 5.85 4.51
CA VAL B 105 -21.74 5.87 3.20
C VAL B 105 -22.86 6.15 2.21
N GLU B 106 -22.60 7.04 1.25
CA GLU B 106 -23.59 7.41 0.24
C GLU B 106 -23.08 7.04 -1.14
N GLY B 107 -23.97 6.47 -1.97
CA GLY B 107 -23.68 6.26 -3.38
C GLY B 107 -24.75 5.52 -4.19
N VAL B 108 -24.52 5.40 -5.50
CA VAL B 108 -25.32 4.55 -6.37
C VAL B 108 -25.35 3.11 -5.88
N GLU B 109 -26.53 2.66 -5.45
CA GLU B 109 -26.76 1.28 -4.98
C GLU B 109 -25.74 0.84 -3.93
N SER B 110 -25.51 1.73 -2.96
CA SER B 110 -24.40 1.63 -2.03
C SER B 110 -24.53 0.50 -1.03
N ILE B 111 -25.76 0.08 -0.75
CA ILE B 111 -25.97 -0.97 0.24
C ILE B 111 -25.42 -2.30 -0.27
N GLU B 112 -25.79 -2.65 -1.50
CA GLU B 112 -25.24 -3.81 -2.16
C GLU B 112 -23.71 -3.69 -2.25
N VAL B 113 -23.21 -2.53 -2.67
CA VAL B 113 -21.79 -2.37 -2.96
C VAL B 113 -21.01 -2.54 -1.68
N VAL B 114 -21.52 -1.93 -0.60
CA VAL B 114 -20.88 -2.04 0.71
C VAL B 114 -20.77 -3.50 1.13
N ARG B 115 -21.87 -4.25 0.99
CA ARG B 115 -21.89 -5.67 1.30
C ARG B 115 -20.90 -6.49 0.50
N LYS B 116 -20.72 -6.13 -0.77
CA LYS B 116 -19.73 -6.78 -1.60
C LYS B 116 -18.32 -6.46 -1.07
N LEU B 117 -18.09 -5.21 -0.70
CA LEU B 117 -16.79 -4.78 -0.17
C LEU B 117 -16.42 -5.45 1.15
N CYS B 118 -17.42 -5.73 1.96
CA CYS B 118 -17.20 -6.36 3.26
C CYS B 118 -16.88 -7.84 3.17
N GLY B 119 -17.54 -8.53 2.23
CA GLY B 119 -17.42 -9.96 2.07
C GLY B 119 -18.32 -10.73 3.04
N ALA B 120 -18.19 -12.06 3.01
CA ALA B 120 -19.03 -12.96 3.78
C ALA B 120 -19.01 -12.64 5.26
N THR B 121 -20.16 -12.75 5.90
CA THR B 121 -20.27 -12.54 7.36
C THR B 121 -19.18 -13.26 8.14
N GLU B 122 -18.87 -14.49 7.74
CA GLU B 122 -17.90 -15.34 8.42
C GLU B 122 -16.55 -15.10 7.75
N PRO B 123 -15.58 -14.51 8.49
CA PRO B 123 -14.26 -14.22 7.95
C PRO B 123 -13.54 -15.42 7.35
N LYS B 124 -13.73 -16.61 7.95
CA LYS B 124 -13.12 -17.82 7.40
C LYS B 124 -13.48 -18.03 5.92
N LEU B 125 -14.73 -17.74 5.58
CA LEU B 125 -15.23 -17.84 4.19
C LEU B 125 -15.06 -16.56 3.35
N ALA B 126 -14.83 -15.42 4.00
CA ALA B 126 -14.76 -14.16 3.26
C ALA B 126 -13.62 -14.18 2.23
N ILE B 127 -13.96 -13.83 1.01
CA ILE B 127 -13.02 -13.92 -0.09
C ILE B 127 -11.91 -12.87 0.08
N PRO B 128 -10.65 -13.26 -0.26
CA PRO B 128 -9.51 -12.35 -0.16
C PRO B 128 -9.76 -11.15 -1.06
N GLY B 129 -9.38 -9.97 -0.60
CA GLY B 129 -9.70 -8.73 -1.31
C GLY B 129 -10.81 -7.92 -0.66
N THR B 130 -11.70 -8.60 0.09
CA THR B 130 -12.72 -7.93 0.89
C THR B 130 -12.17 -7.56 2.27
N ILE B 131 -12.85 -6.64 2.98
CA ILE B 131 -12.41 -6.21 4.29
C ILE B 131 -12.26 -7.40 5.23
N ARG B 132 -13.27 -8.25 5.28
CA ARG B 132 -13.24 -9.40 6.19
C ARG B 132 -12.26 -10.44 5.74
N GLY B 133 -12.12 -10.59 4.42
CA GLY B 133 -11.16 -11.52 3.83
C GLY B 133 -9.70 -11.15 4.11
N ASP B 134 -9.40 -9.86 4.08
CA ASP B 134 -8.02 -9.39 4.30
C ASP B 134 -7.65 -9.19 5.77
N PHE B 135 -8.64 -8.91 6.64
CA PHE B 135 -8.32 -8.47 7.99
C PHE B 135 -8.75 -9.39 9.12
N SER B 136 -9.39 -10.50 8.78
CA SER B 136 -9.81 -11.50 9.78
C SER B 136 -10.00 -12.85 9.13
N TYR B 137 -10.07 -13.91 9.95
CA TYR B 137 -10.11 -15.27 9.43
C TYR B 137 -10.90 -16.31 10.24
N HIS B 138 -11.35 -15.96 11.43
CA HIS B 138 -11.94 -17.00 12.28
C HIS B 138 -13.41 -17.34 11.99
N SER B 139 -13.87 -18.48 12.53
CA SER B 139 -15.12 -19.11 12.07
C SER B 139 -16.26 -19.12 13.08
N PHE B 140 -17.48 -19.41 12.60
CA PHE B 140 -18.60 -19.62 13.51
C PHE B 140 -18.37 -20.84 14.40
N LYS B 141 -17.82 -21.94 13.85
CA LYS B 141 -17.60 -23.17 14.63
C LYS B 141 -16.81 -22.85 15.91
N TYR B 142 -15.78 -22.03 15.75
CA TYR B 142 -14.94 -21.55 16.84
C TYR B 142 -15.64 -20.50 17.72
N SER B 143 -16.42 -19.61 17.09
CA SER B 143 -17.25 -18.63 17.80
C SER B 143 -18.29 -19.31 18.71
N ASN B 144 -18.93 -20.37 18.20
CA ASN B 144 -19.91 -21.17 18.96
C ASN B 144 -19.27 -21.94 20.12
N GLU B 145 -18.22 -22.71 19.79
CA GLU B 145 -17.40 -23.42 20.77
C GLU B 145 -17.01 -22.54 21.98
N LYS B 146 -16.60 -21.29 21.70
CA LYS B 146 -16.11 -20.36 22.71
C LYS B 146 -17.17 -19.54 23.46
N GLY B 147 -18.36 -19.39 22.87
CA GLY B 147 -19.47 -18.65 23.48
C GLY B 147 -19.43 -17.14 23.21
N PHE B 148 -18.80 -16.77 22.11
CA PHE B 148 -18.67 -15.37 21.71
C PHE B 148 -19.24 -15.13 20.31
N SER B 149 -19.72 -13.91 20.07
CA SER B 149 -20.13 -13.48 18.73
C SER B 149 -18.94 -13.50 17.76
N ILE B 150 -19.24 -13.55 16.48
CA ILE B 150 -18.18 -13.46 15.47
C ILE B 150 -17.53 -12.07 15.51
N TYR B 151 -16.20 -12.04 15.54
CA TYR B 151 -15.44 -10.81 15.53
C TYR B 151 -15.04 -10.59 14.09
N ASN B 152 -15.85 -9.81 13.38
CA ASN B 152 -15.74 -9.74 11.93
C ASN B 152 -15.55 -8.33 11.40
N VAL B 153 -14.95 -7.49 12.24
CA VAL B 153 -14.41 -6.17 11.85
C VAL B 153 -15.47 -5.08 11.63
N ILE B 154 -16.49 -5.41 10.85
CA ILE B 154 -17.42 -4.40 10.32
C ILE B 154 -18.86 -4.90 10.30
N HIS B 155 -19.77 -3.95 10.56
CA HIS B 155 -21.17 -4.11 10.27
C HIS B 155 -21.53 -3.21 9.13
N ALA B 156 -22.34 -3.72 8.21
CA ALA B 156 -22.98 -2.91 7.17
C ALA B 156 -24.44 -3.32 7.04
N SER B 157 -25.33 -2.36 6.76
CA SER B 157 -26.77 -2.64 6.68
C SER B 157 -27.05 -3.72 5.64
N ALA B 158 -27.83 -4.74 6.00
CA ALA B 158 -28.13 -5.86 5.10
C ALA B 158 -29.00 -5.50 3.88
N ASN B 159 -29.84 -4.47 3.99
CA ASN B 159 -30.76 -4.06 2.92
C ASN B 159 -31.34 -2.66 3.16
N GLU B 160 -32.17 -2.19 2.24
CA GLU B 160 -32.78 -0.83 2.29
C GLU B 160 -33.53 -0.54 3.60
N ALA B 161 -34.31 -1.52 4.05
CA ALA B 161 -35.20 -1.37 5.20
C ALA B 161 -34.34 -1.27 6.47
N ASP B 162 -33.30 -2.09 6.55
CA ASP B 162 -32.36 -2.05 7.65
C ASP B 162 -31.60 -0.71 7.69
N ALA B 163 -31.05 -0.30 6.56
CA ALA B 163 -30.42 1.02 6.46
C ALA B 163 -31.35 2.16 6.93
N MET B 164 -32.61 2.16 6.46
CA MET B 164 -33.61 3.17 6.89
C MET B 164 -33.87 3.17 8.40
N ARG B 165 -33.92 2.00 9.00
CA ARG B 165 -34.09 1.86 10.44
C ARG B 165 -32.81 2.22 11.23
N GLU B 166 -31.66 1.72 10.76
CA GLU B 166 -30.39 1.80 11.47
C GLU B 166 -29.81 3.21 11.56
N ILE B 167 -29.86 3.96 10.46
CA ILE B 167 -29.24 5.30 10.43
C ILE B 167 -29.73 6.23 11.57
N PRO B 168 -31.06 6.40 11.72
CA PRO B 168 -31.49 7.37 12.79
C PRO B 168 -31.15 6.89 14.20
N ILE B 169 -30.81 5.61 14.33
CA ILE B 169 -30.38 5.09 15.60
C ILE B 169 -29.05 5.75 15.98
N TRP B 170 -28.15 5.87 15.01
CA TRP B 170 -26.78 6.33 15.29
C TRP B 170 -26.61 7.79 15.03
N PHE B 171 -27.37 8.31 14.07
CA PHE B 171 -27.24 9.70 13.67
C PHE B 171 -28.54 10.48 13.69
N LYS B 172 -28.47 11.72 14.17
CA LYS B 172 -29.56 12.66 13.94
C LYS B 172 -29.47 13.18 12.52
N ASP B 173 -30.58 13.70 12.02
CA ASP B 173 -30.66 14.29 10.68
C ASP B 173 -29.62 15.38 10.39
N ASN B 174 -29.28 16.17 11.39
CA ASN B 174 -28.34 17.27 11.22
C ASN B 174 -26.88 16.82 11.13
N GLU B 175 -26.64 15.52 11.37
CA GLU B 175 -25.30 14.93 11.36
C GLU B 175 -24.99 14.18 10.04
N ILE B 176 -26.00 14.11 9.17
CA ILE B 176 -25.86 13.62 7.80
C ILE B 176 -25.47 14.79 6.88
N LEU B 177 -24.35 14.66 6.17
CA LEU B 177 -23.78 15.79 5.46
C LEU B 177 -24.11 15.77 3.98
N ASN B 178 -24.34 16.96 3.43
CA ASN B 178 -24.54 17.15 2.01
C ASN B 178 -23.37 17.91 1.38
N TYR B 179 -22.53 17.20 0.63
CA TYR B 179 -21.44 17.85 -0.08
C TYR B 179 -21.12 17.06 -1.33
N LYS B 180 -20.19 17.57 -2.13
CA LYS B 180 -19.80 16.90 -3.35
C LYS B 180 -18.32 16.52 -3.26
N ARG B 181 -18.05 15.23 -3.45
CA ARG B 181 -16.72 14.71 -3.65
C ARG B 181 -16.22 15.24 -4.98
N ASP B 182 -14.90 15.41 -5.08
CA ASP B 182 -14.30 15.97 -6.30
C ASP B 182 -14.46 15.05 -7.51
N ASP B 183 -14.64 13.76 -7.27
CA ASP B 183 -14.81 12.79 -8.36
C ASP B 183 -16.27 12.50 -8.67
N GLU B 184 -17.18 13.29 -8.09
CA GLU B 184 -18.62 13.08 -8.21
C GLU B 184 -19.05 12.78 -9.64
N CYS B 185 -18.61 13.62 -10.55
CA CYS B 185 -18.92 13.49 -11.98
C CYS B 185 -18.60 12.12 -12.57
N GLU B 186 -17.62 11.42 -12.00
CA GLU B 186 -17.23 10.10 -12.48
C GLU B 186 -18.13 8.98 -11.96
N HIS B 187 -18.89 9.26 -10.91
CA HIS B 187 -19.76 8.26 -10.28
C HIS B 187 -21.23 8.53 -10.45
N TYR B 188 -21.62 9.79 -10.28
CA TYR B 188 -23.03 10.17 -10.44
C TYR B 188 -23.35 10.71 -11.83
N TYR B 189 -22.31 11.12 -12.56
CA TYR B 189 -22.41 11.98 -13.77
C TYR B 189 -22.82 13.44 -13.43
N CYS B 190 -22.46 14.37 -14.30
CA CYS B 190 -22.72 15.80 -14.06
C CYS B 190 -23.48 16.47 -15.21
N LEU C 25 -9.40 -27.09 17.32
CA LEU C 25 -9.52 -26.39 16.01
C LEU C 25 -8.25 -25.57 15.62
N LEU C 26 -7.34 -25.37 16.58
CA LEU C 26 -6.03 -24.76 16.31
C LEU C 26 -5.12 -25.65 15.46
N GLN C 27 -4.51 -25.07 14.43
CA GLN C 27 -3.67 -25.83 13.52
C GLN C 27 -2.40 -25.08 13.18
N LYS C 28 -1.37 -25.82 12.81
CA LYS C 28 -0.17 -25.26 12.23
C LYS C 28 -0.09 -25.72 10.78
N THR C 29 0.37 -24.85 9.90
CA THR C 29 0.52 -25.22 8.51
C THR C 29 1.88 -24.77 7.98
N LEU C 30 2.46 -25.58 7.10
CA LEU C 30 3.78 -25.27 6.60
C LEU C 30 3.68 -24.42 5.36
N CYS C 31 4.37 -23.29 5.35
CA CYS C 31 4.45 -22.44 4.15
C CYS C 31 5.89 -22.26 3.71
N ILE C 32 6.07 -22.14 2.40
CA ILE C 32 7.37 -21.91 1.80
C ILE C 32 7.19 -20.85 0.74
N VAL C 33 7.95 -19.77 0.86
CA VAL C 33 8.13 -18.88 -0.26
C VAL C 33 9.13 -19.58 -1.17
N LYS C 34 8.67 -19.90 -2.37
CA LYS C 34 9.47 -20.65 -3.33
C LYS C 34 10.60 -19.79 -3.94
N PRO C 35 11.51 -20.43 -4.70
CA PRO C 35 12.62 -19.60 -5.16
C PRO C 35 12.25 -18.45 -6.08
N ASP C 36 11.11 -18.54 -6.78
CA ASP C 36 10.67 -17.41 -7.59
C ASP C 36 10.28 -16.26 -6.67
N GLY C 37 9.57 -16.56 -5.59
CA GLY C 37 9.23 -15.58 -4.55
C GLY C 37 10.45 -14.90 -3.95
N VAL C 38 11.44 -15.72 -3.58
CA VAL C 38 12.68 -15.20 -3.02
C VAL C 38 13.46 -14.32 -4.04
N ARG C 39 13.68 -14.81 -5.26
CA ARG C 39 14.46 -14.05 -6.24
C ARG C 39 13.79 -12.75 -6.73
N ARG C 40 12.47 -12.64 -6.56
CA ARG C 40 11.73 -11.45 -6.93
C ARG C 40 11.52 -10.47 -5.76
N GLY C 41 12.08 -10.79 -4.60
CA GLY C 41 11.94 -9.95 -3.40
C GLY C 41 10.53 -9.85 -2.83
N LEU C 42 9.83 -10.98 -2.71
CA LEU C 42 8.44 -10.96 -2.25
C LEU C 42 8.20 -11.55 -0.87
N ILE C 43 9.26 -11.89 -0.15
CA ILE C 43 9.09 -12.53 1.17
C ILE C 43 8.18 -11.68 2.07
N GLY C 44 8.52 -10.41 2.21
CA GLY C 44 7.74 -9.48 3.01
C GLY C 44 6.28 -9.41 2.61
N ASP C 45 6.03 -9.21 1.31
CA ASP C 45 4.65 -9.13 0.79
C ASP C 45 3.83 -10.34 1.18
N VAL C 46 4.39 -11.53 1.01
CA VAL C 46 3.73 -12.76 1.37
C VAL C 46 3.47 -12.83 2.88
N VAL C 47 4.49 -12.56 3.69
CA VAL C 47 4.34 -12.65 5.15
C VAL C 47 3.24 -11.70 5.66
N SER C 48 3.22 -10.49 5.11
CA SER C 48 2.23 -9.47 5.46
C SER C 48 0.79 -9.92 5.28
N ARG C 49 0.52 -10.64 4.18
CA ARG C 49 -0.82 -11.13 3.88
C ARG C 49 -1.34 -11.98 5.03
N PHE C 50 -0.46 -12.83 5.60
CA PHE C 50 -0.81 -13.70 6.72
C PHE C 50 -0.96 -12.96 8.04
N GLU C 51 0.00 -12.09 8.34
CA GLU C 51 -0.03 -11.30 9.57
C GLU C 51 -1.25 -10.39 9.61
N ARG C 52 -1.59 -9.83 8.45
CA ARG C 52 -2.75 -8.95 8.30
C ARG C 52 -4.09 -9.57 8.65
N VAL C 53 -4.35 -10.82 8.27
CA VAL C 53 -5.66 -11.45 8.61
C VAL C 53 -5.72 -11.91 10.07
N GLY C 54 -4.57 -11.96 10.73
CA GLY C 54 -4.52 -12.31 12.14
C GLY C 54 -3.78 -13.60 12.46
N LEU C 55 -3.24 -14.25 11.43
CA LEU C 55 -2.48 -15.49 11.62
C LEU C 55 -1.09 -15.20 12.20
N LYS C 56 -0.60 -16.14 12.99
CA LYS C 56 0.61 -15.95 13.77
C LYS C 56 1.74 -16.79 13.20
N MET C 57 2.85 -16.17 12.87
CA MET C 57 4.07 -16.90 12.50
C MET C 57 4.78 -17.48 13.73
N VAL C 58 4.94 -18.80 13.76
CA VAL C 58 5.55 -19.50 14.89
C VAL C 58 6.88 -20.22 14.58
N ALA C 59 7.41 -20.06 13.38
CA ALA C 59 8.70 -20.63 12.98
C ALA C 59 9.12 -20.01 11.64
N ALA C 60 10.41 -19.78 11.46
CA ALA C 60 10.91 -19.25 10.19
C ALA C 60 12.36 -19.57 10.02
N LYS C 61 12.71 -19.99 8.81
CA LYS C 61 14.09 -20.06 8.41
C LYS C 61 14.27 -19.97 6.91
N MET C 62 15.43 -19.48 6.52
CA MET C 62 15.77 -19.36 5.13
C MET C 62 16.95 -20.29 4.87
N LEU C 63 16.94 -20.94 3.72
CA LEU C 63 17.99 -21.91 3.40
C LEU C 63 18.07 -22.16 1.89
N ILE C 64 19.16 -22.82 1.49
CA ILE C 64 19.33 -23.37 0.15
C ILE C 64 18.90 -24.81 0.28
N VAL C 65 17.93 -25.24 -0.53
CA VAL C 65 17.43 -26.61 -0.49
C VAL C 65 18.37 -27.50 -1.29
N ASP C 66 18.92 -28.54 -0.68
CA ASP C 66 19.65 -29.54 -1.47
C ASP C 66 18.72 -30.65 -1.92
N GLU C 67 19.17 -31.42 -2.92
CA GLU C 67 18.36 -32.46 -3.57
C GLU C 67 17.79 -33.44 -2.53
N SER C 68 18.65 -33.84 -1.62
CA SER C 68 18.26 -34.66 -0.51
C SER C 68 16.99 -34.13 0.16
N LEU C 69 17.02 -32.87 0.61
CA LEU C 69 15.84 -32.27 1.24
C LEU C 69 14.64 -32.08 0.28
N ALA C 70 14.92 -31.69 -0.96
CA ALA C 70 13.89 -31.57 -1.99
C ALA C 70 13.12 -32.88 -2.22
N LYS C 71 13.84 -34.01 -2.25
CA LYS C 71 13.25 -35.33 -2.45
C LYS C 71 12.42 -35.82 -1.26
N LYS C 72 12.66 -35.26 -0.08
CA LYS C 72 11.82 -35.58 1.09
C LYS C 72 10.51 -34.79 1.08
N HIS C 73 10.59 -33.54 0.64
CA HIS C 73 9.40 -32.69 0.60
C HIS C 73 8.49 -33.11 -0.52
N TYR C 74 9.08 -33.38 -1.68
CA TYR C 74 8.32 -33.92 -2.80
C TYR C 74 8.63 -35.41 -2.96
N LEU C 75 7.72 -36.24 -2.46
CA LEU C 75 7.91 -37.68 -2.47
C LEU C 75 7.71 -38.24 -3.87
N TYR C 76 8.69 -38.98 -4.35
CA TYR C 76 8.59 -39.65 -5.65
C TYR C 76 7.30 -40.45 -5.79
N ASP C 77 7.08 -41.41 -4.89
CA ASP C 77 5.95 -42.33 -5.01
C ASP C 77 4.60 -41.60 -5.00
N ASP C 78 4.52 -40.53 -4.23
CA ASP C 78 3.31 -39.73 -4.17
C ASP C 78 3.01 -38.97 -5.47
N ILE C 79 3.99 -38.23 -5.95
CA ILE C 79 3.81 -37.36 -7.10
C ILE C 79 3.67 -38.17 -8.40
N VAL C 80 4.41 -39.27 -8.53
CA VAL C 80 4.35 -40.11 -9.74
C VAL C 80 2.97 -40.72 -9.93
N PHE C 81 2.44 -41.27 -8.84
CA PHE C 81 1.10 -41.81 -8.84
C PHE C 81 0.12 -40.71 -9.25
N ARG C 82 0.18 -39.58 -8.56
CA ARG C 82 -0.82 -38.52 -8.73
C ARG C 82 -0.64 -37.67 -10.00
N HIS C 83 0.58 -37.62 -10.54
CA HIS C 83 0.88 -36.89 -11.78
C HIS C 83 1.75 -37.71 -12.70
N SER C 84 3.06 -37.57 -12.58
CA SER C 84 4.03 -38.36 -13.36
C SER C 84 5.48 -38.07 -12.92
N GLU C 85 6.42 -38.88 -13.42
CA GLU C 85 7.86 -38.71 -13.10
C GLU C 85 8.40 -37.37 -13.61
N ALA C 86 8.00 -36.98 -14.83
CA ALA C 86 8.33 -35.67 -15.41
C ALA C 86 7.99 -34.50 -14.49
N VAL C 87 6.78 -34.53 -13.93
CA VAL C 87 6.30 -33.48 -13.04
C VAL C 87 7.13 -33.46 -11.76
N TRP C 88 7.36 -34.63 -11.19
CA TRP C 88 8.15 -34.71 -9.98
C TRP C 88 9.55 -34.15 -10.20
N ASN C 89 10.12 -34.48 -11.36
CA ASN C 89 11.45 -34.05 -11.70
C ASN C 89 11.55 -32.53 -11.80
N SER C 90 10.53 -31.93 -12.42
CA SER C 90 10.46 -30.49 -12.57
CA SER C 90 10.41 -30.49 -12.56
C SER C 90 10.36 -29.82 -11.20
N LEU C 91 9.61 -30.42 -10.28
CA LEU C 91 9.48 -29.89 -8.93
C LEU C 91 10.85 -29.91 -8.29
N ILE C 92 11.50 -31.07 -8.29
CA ILE C 92 12.85 -31.25 -7.77
C ILE C 92 13.85 -30.23 -8.38
N LYS C 93 13.81 -30.05 -9.69
CA LYS C 93 14.72 -29.09 -10.35
C LYS C 93 14.39 -27.63 -9.95
N PHE C 94 13.13 -27.34 -9.63
CA PHE C 94 12.75 -25.99 -9.23
C PHE C 94 13.42 -25.56 -7.92
N ILE C 95 13.38 -26.43 -6.92
CA ILE C 95 13.85 -26.04 -5.59
C ILE C 95 15.29 -26.43 -5.25
N SER C 96 15.76 -27.55 -5.79
CA SER C 96 17.13 -28.00 -5.53
C SER C 96 18.14 -26.91 -5.79
N ASN C 97 18.97 -26.64 -4.77
CA ASN C 97 20.08 -25.69 -4.91
CA ASN C 97 20.08 -25.68 -4.86
C ASN C 97 19.58 -24.24 -5.09
N SER C 98 18.39 -23.97 -4.58
CA SER C 98 17.80 -22.65 -4.69
C SER C 98 17.36 -22.18 -3.33
N PRO C 99 17.22 -20.86 -3.15
CA PRO C 99 16.83 -20.28 -1.87
C PRO C 99 15.32 -20.36 -1.67
N VAL C 100 14.91 -20.72 -0.47
CA VAL C 100 13.52 -20.64 -0.07
C VAL C 100 13.41 -19.97 1.29
N PHE C 101 12.21 -19.43 1.55
CA PHE C 101 11.87 -18.95 2.87
C PHE C 101 10.74 -19.82 3.41
N THR C 102 11.03 -20.56 4.47
CA THR C 102 10.03 -21.46 5.07
C THR C 102 9.61 -20.97 6.42
N PHE C 103 8.31 -21.07 6.67
CA PHE C 103 7.72 -20.65 7.92
C PHE C 103 6.51 -21.47 8.26
N VAL C 104 6.16 -21.46 9.54
CA VAL C 104 4.98 -22.13 10.04
C VAL C 104 3.98 -21.09 10.55
N VAL C 105 2.73 -21.29 10.14
CA VAL C 105 1.63 -20.41 10.47
C VAL C 105 0.64 -21.15 11.38
N GLU C 106 0.24 -20.48 12.46
CA GLU C 106 -0.70 -21.02 13.45
C GLU C 106 -2.01 -20.21 13.51
N GLY C 107 -3.11 -20.90 13.80
CA GLY C 107 -4.40 -20.27 14.03
C GLY C 107 -5.55 -21.25 13.88
N VAL C 108 -6.77 -20.74 14.10
CA VAL C 108 -8.01 -21.51 13.94
C VAL C 108 -8.19 -21.95 12.48
N GLU C 109 -8.21 -23.26 12.26
CA GLU C 109 -8.42 -23.80 10.92
C GLU C 109 -7.52 -23.09 9.89
N SER C 110 -6.24 -22.96 10.24
CA SER C 110 -5.30 -22.14 9.49
C SER C 110 -5.00 -22.75 8.14
N ILE C 111 -4.99 -24.08 8.09
CA ILE C 111 -4.66 -24.79 6.87
C ILE C 111 -5.56 -24.37 5.72
N GLU C 112 -6.86 -24.44 5.96
CA GLU C 112 -7.86 -24.00 5.02
C GLU C 112 -7.74 -22.51 4.73
N VAL C 113 -7.50 -21.70 5.76
CA VAL C 113 -7.41 -20.25 5.59
C VAL C 113 -6.20 -19.86 4.74
N VAL C 114 -5.05 -20.45 5.04
CA VAL C 114 -3.86 -20.28 4.24
C VAL C 114 -4.15 -20.68 2.77
N ARG C 115 -4.79 -21.83 2.56
CA ARG C 115 -5.15 -22.26 1.20
C ARG C 115 -5.94 -21.14 0.53
N LYS C 116 -6.89 -20.57 1.24
CA LYS C 116 -7.74 -19.52 0.71
C LYS C 116 -6.94 -18.28 0.30
N LEU C 117 -6.04 -17.83 1.16
CA LEU C 117 -5.17 -16.68 0.84
C LEU C 117 -4.16 -16.92 -0.28
N CYS C 118 -3.71 -18.16 -0.45
CA CYS C 118 -2.78 -18.46 -1.54
C CYS C 118 -3.46 -18.42 -2.90
N GLY C 119 -4.69 -18.92 -2.99
CA GLY C 119 -5.42 -19.01 -4.26
C GLY C 119 -5.07 -20.27 -5.02
N ALA C 120 -5.72 -20.46 -6.18
CA ALA C 120 -5.50 -21.68 -6.97
C ALA C 120 -4.02 -21.93 -7.27
N THR C 121 -3.67 -23.21 -7.38
CA THR C 121 -2.32 -23.65 -7.69
C THR C 121 -1.83 -22.95 -8.96
N GLU C 122 -2.73 -22.80 -9.93
CA GLU C 122 -2.37 -22.24 -11.22
C GLU C 122 -2.57 -20.70 -11.24
N PRO C 123 -1.48 -19.93 -11.31
CA PRO C 123 -1.53 -18.45 -11.26
C PRO C 123 -2.51 -17.84 -12.26
N LYS C 124 -2.51 -18.35 -13.50
CA LYS C 124 -3.48 -17.92 -14.50
C LYS C 124 -4.90 -17.90 -13.94
N LEU C 125 -5.27 -18.94 -13.18
CA LEU C 125 -6.62 -19.04 -12.65
C LEU C 125 -6.80 -18.39 -11.29
N ALA C 126 -5.70 -18.16 -10.56
CA ALA C 126 -5.83 -17.66 -9.20
C ALA C 126 -6.50 -16.27 -9.15
N ILE C 127 -7.38 -16.11 -8.17
CA ILE C 127 -8.26 -14.93 -8.09
C ILE C 127 -7.51 -13.71 -7.54
N PRO C 128 -7.73 -12.51 -8.13
CA PRO C 128 -7.07 -11.31 -7.57
C PRO C 128 -7.48 -11.15 -6.12
N GLY C 129 -6.58 -10.63 -5.29
CA GLY C 129 -6.78 -10.65 -3.85
C GLY C 129 -5.91 -11.70 -3.18
N THR C 130 -5.71 -12.83 -3.86
CA THR C 130 -4.90 -13.93 -3.33
C THR C 130 -3.42 -13.72 -3.61
N ILE C 131 -2.53 -14.33 -2.81
CA ILE C 131 -1.09 -14.22 -3.06
C ILE C 131 -0.75 -14.57 -4.51
N ARG C 132 -1.22 -15.72 -4.98
CA ARG C 132 -0.88 -16.17 -6.32
C ARG C 132 -1.52 -15.31 -7.39
N GLY C 133 -2.74 -14.85 -7.12
CA GLY C 133 -3.52 -14.04 -8.05
C GLY C 133 -2.90 -12.68 -8.25
N ASP C 134 -2.26 -12.15 -7.21
CA ASP C 134 -1.66 -10.83 -7.24
C ASP C 134 -0.20 -10.79 -7.70
N PHE C 135 0.53 -11.86 -7.46
CA PHE C 135 1.97 -11.83 -7.74
C PHE C 135 2.48 -12.70 -8.90
N SER C 136 1.62 -13.50 -9.52
CA SER C 136 2.02 -14.36 -10.65
C SER C 136 0.85 -14.60 -11.59
N TYR C 137 1.08 -15.23 -12.75
CA TYR C 137 0.03 -15.30 -13.80
C TYR C 137 0.15 -16.44 -14.83
N HIS C 138 1.31 -17.07 -14.96
CA HIS C 138 1.45 -18.06 -16.04
C HIS C 138 0.67 -19.34 -15.83
N SER C 139 0.52 -20.11 -16.91
CA SER C 139 -0.40 -21.23 -16.95
C SER C 139 0.29 -22.59 -16.94
N PHE C 140 -0.48 -23.62 -16.61
CA PHE C 140 -0.02 -25.00 -16.72
C PHE C 140 0.29 -25.43 -18.15
N LYS C 141 -0.51 -24.97 -19.12
CA LYS C 141 -0.27 -25.30 -20.54
C LYS C 141 1.12 -24.80 -20.95
N TYR C 142 1.50 -23.64 -20.43
CA TYR C 142 2.76 -23.04 -20.78
C TYR C 142 3.92 -23.80 -20.16
N SER C 143 3.79 -24.12 -18.87
CA SER C 143 4.83 -24.87 -18.18
C SER C 143 5.02 -26.28 -18.74
N ASN C 144 3.94 -26.94 -19.18
CA ASN C 144 4.06 -28.25 -19.80
CA ASN C 144 4.08 -28.26 -19.80
C ASN C 144 4.83 -28.16 -21.12
N GLU C 145 4.63 -27.06 -21.82
CA GLU C 145 5.24 -26.84 -23.12
C GLU C 145 6.74 -26.55 -23.00
N LYS C 146 7.12 -25.86 -21.94
CA LYS C 146 8.52 -25.53 -21.77
C LYS C 146 9.28 -26.59 -20.97
N GLY C 147 8.56 -27.47 -20.30
CA GLY C 147 9.18 -28.48 -19.47
C GLY C 147 9.68 -27.93 -18.15
N PHE C 148 8.95 -26.96 -17.60
CA PHE C 148 9.27 -26.45 -16.27
C PHE C 148 8.10 -26.67 -15.34
N SER C 149 8.35 -26.52 -14.06
CA SER C 149 7.31 -26.57 -13.06
C SER C 149 6.56 -25.24 -13.07
N ILE C 150 5.34 -25.25 -12.56
CA ILE C 150 4.64 -24.00 -12.37
C ILE C 150 5.46 -23.20 -11.35
N TYR C 151 5.64 -21.91 -11.58
CA TYR C 151 6.26 -21.02 -10.58
C TYR C 151 5.13 -20.22 -9.96
N ASN C 152 4.70 -20.63 -8.77
CA ASN C 152 3.54 -20.01 -8.17
C ASN C 152 3.77 -19.44 -6.78
N VAL C 153 4.97 -18.89 -6.57
CA VAL C 153 5.34 -18.04 -5.41
C VAL C 153 5.45 -18.76 -4.07
N ILE C 154 4.45 -19.54 -3.72
CA ILE C 154 4.32 -20.08 -2.37
C ILE C 154 3.83 -21.53 -2.36
N HIS C 155 4.32 -22.31 -1.39
CA HIS C 155 3.73 -23.60 -1.05
C HIS C 155 2.99 -23.48 0.24
N ALA C 156 1.83 -24.10 0.32
CA ALA C 156 1.14 -24.26 1.58
C ALA C 156 0.60 -25.68 1.71
N SER C 157 0.79 -26.32 2.88
CA SER C 157 0.27 -27.67 3.15
C SER C 157 -1.20 -27.83 2.71
N ALA C 158 -1.49 -28.93 2.02
CA ALA C 158 -2.83 -29.13 1.41
C ALA C 158 -3.92 -29.48 2.43
N ASN C 159 -3.55 -30.20 3.48
CA ASN C 159 -4.49 -30.65 4.52
C ASN C 159 -3.75 -31.07 5.78
N GLU C 160 -4.50 -31.52 6.78
CA GLU C 160 -3.96 -31.87 8.10
C GLU C 160 -2.77 -32.80 8.03
N ALA C 161 -2.93 -33.90 7.28
CA ALA C 161 -1.89 -34.91 7.19
C ALA C 161 -0.58 -34.39 6.57
N ASP C 162 -0.71 -33.63 5.47
CA ASP C 162 0.46 -33.08 4.77
C ASP C 162 1.29 -32.15 5.69
N ALA C 163 0.59 -31.35 6.48
CA ALA C 163 1.23 -30.48 7.48
C ALA C 163 1.95 -31.25 8.60
N MET C 164 1.29 -32.25 9.18
CA MET C 164 1.92 -33.12 10.21
C MET C 164 3.18 -33.77 9.63
N ARG C 165 3.15 -34.12 8.34
CA ARG C 165 4.33 -34.66 7.64
C ARG C 165 5.38 -33.58 7.31
N GLU C 166 4.93 -32.43 6.81
CA GLU C 166 5.82 -31.41 6.23
C GLU C 166 6.60 -30.62 7.29
N ILE C 167 5.90 -30.14 8.30
CA ILE C 167 6.52 -29.32 9.35
C ILE C 167 7.82 -29.95 9.94
N PRO C 168 7.75 -31.22 10.44
CA PRO C 168 8.94 -31.94 10.97
C PRO C 168 10.09 -32.10 10.01
N ILE C 169 9.84 -32.08 8.70
CA ILE C 169 10.89 -32.14 7.69
C ILE C 169 11.67 -30.83 7.61
N TRP C 170 11.01 -29.72 7.94
CA TRP C 170 11.66 -28.41 7.79
C TRP C 170 12.12 -27.85 9.11
N PHE C 171 11.41 -28.20 10.18
CA PHE C 171 11.67 -27.63 11.49
C PHE C 171 11.83 -28.68 12.58
N LYS C 172 12.75 -28.43 13.48
CA LYS C 172 12.88 -29.24 14.69
C LYS C 172 11.81 -28.75 15.66
N ASP C 173 11.44 -29.59 16.62
CA ASP C 173 10.42 -29.23 17.60
C ASP C 173 10.73 -27.97 18.41
N ASN C 174 12.01 -27.73 18.67
CA ASN C 174 12.44 -26.58 19.45
C ASN C 174 12.53 -25.31 18.61
N GLU C 175 12.24 -25.43 17.32
CA GLU C 175 12.22 -24.28 16.43
C GLU C 175 10.81 -23.72 16.26
N ILE C 176 9.85 -24.35 16.93
CA ILE C 176 8.43 -23.98 16.89
C ILE C 176 8.10 -23.16 18.15
N LEU C 177 7.86 -21.87 17.95
CA LEU C 177 7.72 -20.90 19.04
C LEU C 177 6.32 -20.80 19.65
N ASN C 178 6.26 -20.63 20.98
CA ASN C 178 5.01 -20.30 21.68
C ASN C 178 5.04 -18.86 22.22
N TYR C 179 4.12 -18.02 21.75
CA TYR C 179 4.02 -16.63 22.20
C TYR C 179 2.65 -16.06 21.87
N LYS C 180 2.34 -14.90 22.43
CA LYS C 180 1.06 -14.24 22.17
C LYS C 180 1.20 -13.00 21.30
N ARG C 181 0.50 -13.00 20.16
CA ARG C 181 0.27 -11.78 19.39
C ARG C 181 -0.60 -10.83 20.20
N ASP C 182 -0.40 -9.53 20.02
CA ASP C 182 -1.16 -8.52 20.76
C ASP C 182 -2.63 -8.48 20.38
N ASP C 183 -2.97 -9.02 19.21
CA ASP C 183 -4.35 -9.06 18.77
C ASP C 183 -5.04 -10.39 19.05
N GLU C 184 -4.34 -11.30 19.74
CA GLU C 184 -4.86 -12.64 20.03
C GLU C 184 -6.33 -12.70 20.48
N CYS C 185 -6.70 -11.87 21.45
CA CYS C 185 -8.08 -11.78 21.94
C CYS C 185 -9.13 -11.51 20.86
N GLU C 186 -8.73 -10.90 19.77
CA GLU C 186 -9.66 -10.71 18.65
C GLU C 186 -9.85 -11.97 17.82
N HIS C 187 -8.96 -12.95 17.94
CA HIS C 187 -9.00 -14.18 17.10
C HIS C 187 -9.30 -15.43 17.88
N TYR C 188 -8.59 -15.64 18.99
CA TYR C 188 -8.82 -16.79 19.87
C TYR C 188 -9.76 -16.48 21.05
N TYR C 189 -10.03 -15.19 21.29
CA TYR C 189 -11.09 -14.68 22.22
C TYR C 189 -10.72 -14.32 23.65
N CYS C 190 -9.63 -14.92 24.15
CA CYS C 190 -9.17 -14.75 25.55
C CYS C 190 -10.15 -15.26 26.64
N MET D 22 -3.71 32.26 -15.97
CA MET D 22 -2.49 31.41 -16.01
C MET D 22 -1.34 32.01 -15.20
N SER D 23 -1.27 31.66 -13.92
CA SER D 23 -0.14 32.04 -13.09
C SER D 23 1.19 31.59 -13.71
N MET D 24 2.20 32.45 -13.66
CA MET D 24 3.55 32.12 -14.15
C MET D 24 4.22 30.99 -13.33
N LEU D 25 3.62 30.61 -12.21
CA LEU D 25 4.17 29.54 -11.38
C LEU D 25 3.85 28.13 -11.90
N LEU D 26 2.84 28.02 -12.78
CA LEU D 26 2.53 26.73 -13.42
C LEU D 26 3.73 26.30 -14.25
N GLN D 27 4.22 25.09 -14.01
CA GLN D 27 5.39 24.61 -14.72
C GLN D 27 5.16 23.20 -15.25
N LYS D 28 5.91 22.87 -16.29
CA LYS D 28 6.00 21.53 -16.84
C LYS D 28 7.42 21.00 -16.65
N THR D 29 7.54 19.73 -16.27
CA THR D 29 8.85 19.11 -16.09
C THR D 29 8.89 17.73 -16.73
N LEU D 30 10.04 17.42 -17.34
CA LEU D 30 10.24 16.12 -17.97
C LEU D 30 10.70 15.05 -16.97
N CYS D 31 10.00 13.92 -16.94
CA CYS D 31 10.44 12.80 -16.13
C CYS D 31 10.74 11.58 -16.97
N ILE D 32 11.63 10.73 -16.47
CA ILE D 32 11.95 9.50 -17.19
C ILE D 32 12.17 8.40 -16.19
N VAL D 33 11.38 7.35 -16.30
CA VAL D 33 11.71 6.12 -15.62
C VAL D 33 12.81 5.49 -16.48
N LYS D 34 13.99 5.39 -15.91
CA LYS D 34 15.15 4.89 -16.63
C LYS D 34 15.05 3.37 -16.80
N PRO D 35 15.94 2.78 -17.64
CA PRO D 35 15.84 1.34 -17.93
C PRO D 35 15.83 0.46 -16.67
N ASP D 36 16.50 0.89 -15.61
CA ASP D 36 16.49 0.15 -14.35
C ASP D 36 15.07 0.09 -13.75
N GLY D 37 14.39 1.24 -13.66
CA GLY D 37 13.01 1.30 -13.21
C GLY D 37 12.07 0.51 -14.11
N VAL D 38 12.29 0.58 -15.43
CA VAL D 38 11.44 -0.13 -16.37
C VAL D 38 11.61 -1.65 -16.22
N ARG D 39 12.86 -2.11 -16.34
CA ARG D 39 13.18 -3.55 -16.22
C ARG D 39 12.77 -4.15 -14.87
N ARG D 40 12.67 -3.28 -13.86
CA ARG D 40 12.24 -3.70 -12.51
C ARG D 40 10.73 -3.64 -12.29
N GLY D 41 9.98 -3.15 -13.27
CA GLY D 41 8.53 -3.08 -13.14
C GLY D 41 8.07 -2.00 -12.18
N LEU D 42 8.79 -0.88 -12.15
CA LEU D 42 8.50 0.22 -11.24
C LEU D 42 7.74 1.42 -11.84
N ILE D 43 7.37 1.36 -13.11
CA ILE D 43 6.67 2.46 -13.76
C ILE D 43 5.44 2.92 -12.96
N GLY D 44 4.58 1.97 -12.59
CA GLY D 44 3.35 2.29 -11.88
C GLY D 44 3.64 2.99 -10.57
N ASP D 45 4.54 2.42 -9.78
CA ASP D 45 4.85 2.97 -8.46
C ASP D 45 5.34 4.40 -8.59
N VAL D 46 6.13 4.68 -9.64
CA VAL D 46 6.68 6.01 -9.84
C VAL D 46 5.58 7.03 -10.20
N VAL D 47 4.78 6.71 -11.21
CA VAL D 47 3.69 7.58 -11.63
C VAL D 47 2.74 7.89 -10.47
N SER D 48 2.44 6.87 -9.67
CA SER D 48 1.60 7.03 -8.48
C SER D 48 2.08 8.11 -7.52
N ARG D 49 3.38 8.14 -7.22
CA ARG D 49 3.92 9.16 -6.30
C ARG D 49 3.57 10.59 -6.76
N PHE D 50 3.60 10.83 -8.07
CA PHE D 50 3.24 12.12 -8.63
C PHE D 50 1.73 12.38 -8.65
N GLU D 51 0.95 11.39 -9.07
CA GLU D 51 -0.51 11.53 -9.09
C GLU D 51 -1.03 11.79 -7.68
N ARG D 52 -0.52 11.01 -6.72
CA ARG D 52 -0.96 11.07 -5.32
C ARG D 52 -0.78 12.46 -4.67
N VAL D 53 0.34 13.14 -4.92
CA VAL D 53 0.51 14.51 -4.39
C VAL D 53 -0.41 15.55 -5.07
N GLY D 54 -0.90 15.25 -6.28
CA GLY D 54 -1.81 16.15 -7.00
C GLY D 54 -1.26 16.65 -8.32
N LEU D 55 -0.03 16.26 -8.66
CA LEU D 55 0.55 16.64 -9.93
C LEU D 55 -0.17 15.92 -11.06
N LYS D 56 -0.20 16.54 -12.23
CA LYS D 56 -0.93 16.02 -13.36
C LYS D 56 -0.01 15.46 -14.45
N MET D 57 -0.27 14.23 -14.89
CA MET D 57 0.43 13.74 -16.08
C MET D 57 -0.19 14.35 -17.36
N VAL D 58 0.67 14.94 -18.20
CA VAL D 58 0.22 15.63 -19.45
C VAL D 58 0.87 15.13 -20.75
N ALA D 59 1.67 14.08 -20.63
CA ALA D 59 2.31 13.46 -21.79
C ALA D 59 2.94 12.18 -21.32
N ALA D 60 2.94 11.15 -22.18
CA ALA D 60 3.63 9.90 -21.89
C ALA D 60 3.92 9.10 -23.16
N LYS D 61 5.12 8.55 -23.25
CA LYS D 61 5.42 7.52 -24.25
C LYS D 61 6.48 6.57 -23.75
N MET D 62 6.45 5.36 -24.27
CA MET D 62 7.43 4.36 -23.95
C MET D 62 8.25 4.13 -25.21
N LEU D 63 9.57 4.14 -25.12
CA LEU D 63 10.42 3.91 -26.31
C LEU D 63 11.80 3.31 -25.99
N ILE D 64 12.39 2.65 -26.99
CA ILE D 64 13.80 2.27 -26.94
C ILE D 64 14.62 3.49 -27.40
N VAL D 65 15.52 3.96 -26.53
CA VAL D 65 16.31 5.15 -26.77
C VAL D 65 17.49 4.79 -27.69
N ASP D 66 17.58 5.41 -28.87
CA ASP D 66 18.77 5.15 -29.68
C ASP D 66 19.89 6.11 -29.31
N GLU D 67 21.12 5.75 -29.67
CA GLU D 67 22.31 6.52 -29.30
C GLU D 67 22.13 8.00 -29.57
N SER D 68 21.52 8.29 -30.73
CA SER D 68 21.29 9.66 -31.18
C SER D 68 20.45 10.48 -30.19
N LEU D 69 19.32 9.90 -29.75
CA LEU D 69 18.44 10.55 -28.77
C LEU D 69 19.15 10.80 -27.44
N ALA D 70 19.92 9.82 -26.99
CA ALA D 70 20.67 9.93 -25.74
C ALA D 70 21.65 11.12 -25.72
N LYS D 71 22.23 11.41 -26.88
CA LYS D 71 23.22 12.47 -26.98
C LYS D 71 22.54 13.85 -27.03
N LYS D 72 21.29 13.88 -27.49
CA LYS D 72 20.49 15.10 -27.45
C LYS D 72 20.08 15.39 -26.01
N HIS D 73 19.76 14.34 -25.25
CA HIS D 73 19.27 14.49 -23.88
C HIS D 73 20.38 14.72 -22.90
N TYR D 74 21.44 13.93 -23.00
CA TYR D 74 22.64 14.21 -22.24
C TYR D 74 23.61 14.88 -23.20
N LEU D 75 23.80 16.18 -23.03
CA LEU D 75 24.68 16.93 -23.92
C LEU D 75 26.14 16.78 -23.49
N TYR D 76 26.98 16.36 -24.42
CA TYR D 76 28.41 16.20 -24.17
C TYR D 76 29.03 17.39 -23.41
N ASP D 77 28.86 18.60 -23.94
CA ASP D 77 29.48 19.79 -23.35
C ASP D 77 28.93 20.12 -21.97
N ASP D 78 27.61 20.03 -21.85
CA ASP D 78 26.90 20.22 -20.59
C ASP D 78 27.39 19.27 -19.48
N ILE D 79 27.49 17.98 -19.81
CA ILE D 79 27.87 16.94 -18.84
C ILE D 79 29.38 16.89 -18.57
N VAL D 80 30.19 17.22 -19.58
CA VAL D 80 31.65 17.21 -19.44
C VAL D 80 32.15 18.26 -18.45
N PHE D 81 31.66 19.49 -18.59
CA PHE D 81 32.07 20.62 -17.74
C PHE D 81 31.57 20.51 -16.30
N ARG D 82 30.48 19.77 -16.07
CA ARG D 82 29.88 19.61 -14.74
C ARG D 82 30.37 18.35 -14.01
N HIS D 83 30.78 17.34 -14.77
CA HIS D 83 31.30 16.07 -14.22
C HIS D 83 32.56 15.67 -14.94
N SER D 84 32.47 14.70 -15.85
CA SER D 84 33.60 14.31 -16.71
C SER D 84 33.17 13.61 -18.02
N GLU D 85 34.15 13.15 -18.79
CA GLU D 85 33.91 12.42 -20.04
C GLU D 85 33.49 10.97 -19.74
N ALA D 86 34.18 10.35 -18.78
CA ALA D 86 33.83 9.00 -18.32
C ALA D 86 32.36 8.92 -17.92
N VAL D 87 31.92 9.88 -17.12
CA VAL D 87 30.53 9.95 -16.65
C VAL D 87 29.54 10.04 -17.82
N TRP D 88 29.84 10.89 -18.80
CA TRP D 88 28.99 11.06 -19.98
C TRP D 88 28.85 9.78 -20.77
N ASN D 89 29.98 9.11 -21.04
CA ASN D 89 30.01 7.78 -21.63
C ASN D 89 29.11 6.76 -20.91
N SER D 90 29.17 6.79 -19.58
CA SER D 90 28.48 5.78 -18.81
C SER D 90 26.98 6.10 -18.79
N LEU D 91 26.65 7.39 -18.91
CA LEU D 91 25.27 7.84 -19.07
C LEU D 91 24.72 7.40 -20.41
N ILE D 92 25.51 7.61 -21.46
CA ILE D 92 25.13 7.18 -22.80
C ILE D 92 24.90 5.67 -22.85
N LYS D 93 25.83 4.90 -22.27
CA LYS D 93 25.76 3.43 -22.34
C LYS D 93 24.57 2.86 -21.53
N PHE D 94 24.25 3.48 -20.39
CA PHE D 94 23.10 3.11 -19.57
C PHE D 94 21.77 3.23 -20.34
N ILE D 95 21.64 4.31 -21.11
CA ILE D 95 20.36 4.63 -21.69
C ILE D 95 20.18 4.16 -23.14
N SER D 96 21.27 4.12 -23.92
CA SER D 96 21.21 3.73 -25.35
C SER D 96 20.75 2.32 -25.57
N ASN D 97 19.82 2.15 -26.51
CA ASN D 97 19.25 0.85 -26.89
C ASN D 97 18.53 0.17 -25.72
N SER D 98 17.95 0.98 -24.85
CA SER D 98 17.27 0.48 -23.67
C SER D 98 15.89 1.11 -23.55
N PRO D 99 14.95 0.43 -22.87
CA PRO D 99 13.58 0.98 -22.76
C PRO D 99 13.47 2.08 -21.70
N VAL D 100 12.73 3.13 -22.01
CA VAL D 100 12.38 4.12 -21.01
C VAL D 100 10.90 4.43 -21.06
N PHE D 101 10.40 4.95 -19.96
CA PHE D 101 9.05 5.45 -19.93
C PHE D 101 9.13 6.92 -19.60
N THR D 102 8.88 7.74 -20.61
CA THR D 102 9.06 9.18 -20.51
C THR D 102 7.72 9.88 -20.38
N PHE D 103 7.67 10.90 -19.53
CA PHE D 103 6.42 11.60 -19.29
C PHE D 103 6.60 13.01 -18.82
N VAL D 104 5.54 13.80 -18.96
CA VAL D 104 5.54 15.19 -18.50
C VAL D 104 4.56 15.44 -17.35
N VAL D 105 5.07 16.10 -16.31
CA VAL D 105 4.29 16.50 -15.15
C VAL D 105 4.02 18.01 -15.16
N GLU D 106 2.75 18.38 -14.97
CA GLU D 106 2.32 19.79 -14.81
C GLU D 106 1.80 20.06 -13.39
N GLY D 107 2.09 21.24 -12.90
CA GLY D 107 1.59 21.70 -11.63
C GLY D 107 2.34 22.91 -11.12
N VAL D 108 1.84 23.48 -10.03
CA VAL D 108 2.44 24.64 -9.38
C VAL D 108 3.87 24.34 -8.96
N GLU D 109 4.81 25.13 -9.49
CA GLU D 109 6.22 24.99 -9.16
C GLU D 109 6.68 23.53 -9.20
N SER D 110 6.20 22.80 -10.22
CA SER D 110 6.37 21.34 -10.30
C SER D 110 7.82 20.89 -10.39
N ILE D 111 8.68 21.70 -11.00
CA ILE D 111 10.07 21.29 -11.16
C ILE D 111 10.72 21.02 -9.79
N GLU D 112 10.59 21.96 -8.87
CA GLU D 112 11.10 21.82 -7.51
C GLU D 112 10.40 20.70 -6.79
N VAL D 113 9.10 20.54 -7.01
CA VAL D 113 8.34 19.55 -6.26
C VAL D 113 8.77 18.16 -6.67
N VAL D 114 8.90 17.94 -7.98
CA VAL D 114 9.35 16.66 -8.54
C VAL D 114 10.73 16.29 -8.01
N ARG D 115 11.65 17.25 -8.00
CA ARG D 115 12.98 17.05 -7.39
C ARG D 115 12.90 16.69 -5.89
N LYS D 116 11.92 17.24 -5.18
CA LYS D 116 11.74 16.87 -3.79
C LYS D 116 11.29 15.40 -3.71
N LEU D 117 10.36 15.02 -4.58
CA LEU D 117 9.79 13.68 -4.52
C LEU D 117 10.76 12.60 -4.95
N CYS D 118 11.68 12.94 -5.85
CA CYS D 118 12.65 11.98 -6.40
C CYS D 118 13.76 11.66 -5.40
N GLY D 119 14.14 12.66 -4.61
CA GLY D 119 15.25 12.56 -3.68
C GLY D 119 16.64 12.80 -4.26
N ALA D 120 17.65 12.62 -3.42
CA ALA D 120 19.05 12.86 -3.79
C ALA D 120 19.47 11.98 -4.94
N THR D 121 20.28 12.56 -5.81
CA THR D 121 20.84 11.88 -6.98
C THR D 121 21.42 10.51 -6.63
N GLU D 122 22.13 10.42 -5.50
CA GLU D 122 22.73 9.19 -5.05
C GLU D 122 21.73 8.40 -4.19
N PRO D 123 21.28 7.22 -4.66
CA PRO D 123 20.36 6.41 -3.83
C PRO D 123 20.83 6.13 -2.39
N LYS D 124 22.11 5.83 -2.18
CA LYS D 124 22.60 5.62 -0.80
C LYS D 124 22.19 6.73 0.16
N LEU D 125 22.28 7.99 -0.28
CA LEU D 125 21.94 9.17 0.53
C LEU D 125 20.47 9.58 0.47
N ALA D 126 19.80 9.21 -0.63
CA ALA D 126 18.39 9.58 -0.84
C ALA D 126 17.51 9.22 0.36
N ILE D 127 16.74 10.19 0.85
CA ILE D 127 16.02 10.01 2.11
C ILE D 127 14.79 9.12 1.92
N PRO D 128 14.51 8.22 2.89
CA PRO D 128 13.30 7.41 2.79
C PRO D 128 12.05 8.28 2.61
N GLY D 129 11.07 7.74 1.90
CA GLY D 129 9.88 8.48 1.52
C GLY D 129 9.94 8.95 0.08
N THR D 130 11.16 9.14 -0.44
CA THR D 130 11.37 9.55 -1.85
C THR D 130 11.44 8.34 -2.79
N ILE D 131 11.15 8.57 -4.08
CA ILE D 131 11.34 7.53 -5.08
C ILE D 131 12.70 6.81 -4.96
N ARG D 132 13.79 7.58 -5.01
CA ARG D 132 15.13 6.98 -4.98
C ARG D 132 15.50 6.32 -3.66
N GLY D 133 15.06 6.91 -2.55
CA GLY D 133 15.29 6.35 -1.23
C GLY D 133 14.44 5.12 -0.95
N ASP D 134 13.26 5.05 -1.56
CA ASP D 134 12.35 3.89 -1.37
C ASP D 134 12.67 2.69 -2.30
N PHE D 135 13.29 2.95 -3.45
CA PHE D 135 13.39 1.92 -4.50
C PHE D 135 14.81 1.58 -4.98
N SER D 136 15.81 2.32 -4.52
CA SER D 136 17.19 1.98 -4.85
C SER D 136 18.06 2.36 -3.68
N TYR D 137 19.31 1.93 -3.70
CA TYR D 137 20.18 2.21 -2.56
C TYR D 137 21.67 2.38 -2.84
N HIS D 138 22.15 1.95 -4.02
CA HIS D 138 23.62 1.87 -4.22
C HIS D 138 24.34 3.22 -4.34
N SER D 139 25.66 3.21 -4.36
CA SER D 139 26.43 4.43 -4.11
C SER D 139 27.32 4.89 -5.28
N PHE D 140 27.68 6.17 -5.25
CA PHE D 140 28.57 6.73 -6.26
C PHE D 140 29.96 6.11 -6.17
N LYS D 141 30.38 5.76 -4.95
CA LYS D 141 31.65 5.08 -4.76
C LYS D 141 31.66 3.72 -5.46
N TYR D 142 30.56 2.98 -5.33
CA TYR D 142 30.45 1.69 -6.00
C TYR D 142 30.32 1.79 -7.53
N SER D 143 29.51 2.75 -8.01
CA SER D 143 29.36 2.96 -9.47
C SER D 143 30.65 3.41 -10.15
N ASN D 144 31.37 4.35 -9.53
CA ASN D 144 32.68 4.75 -10.03
C ASN D 144 33.63 3.56 -10.09
N GLU D 145 33.68 2.79 -9.01
CA GLU D 145 34.50 1.57 -8.93
C GLU D 145 34.16 0.47 -9.97
N LYS D 146 32.91 0.39 -10.41
CA LYS D 146 32.51 -0.63 -11.38
C LYS D 146 32.54 -0.15 -12.83
N GLY D 147 32.63 1.16 -13.02
CA GLY D 147 32.68 1.78 -14.36
C GLY D 147 31.32 2.15 -14.94
N PHE D 148 30.26 2.05 -14.13
CA PHE D 148 28.90 2.26 -14.61
C PHE D 148 28.28 3.57 -14.11
N SER D 149 27.20 3.98 -14.78
CA SER D 149 26.36 5.04 -14.26
C SER D 149 25.69 4.61 -12.96
N ILE D 150 25.33 5.58 -12.14
CA ILE D 150 24.44 5.31 -11.03
C ILE D 150 23.10 4.90 -11.64
N TYR D 151 22.50 3.85 -11.08
CA TYR D 151 21.16 3.41 -11.49
C TYR D 151 20.15 3.94 -10.47
N ASN D 152 19.50 5.05 -10.80
CA ASN D 152 18.69 5.75 -9.81
C ASN D 152 17.23 5.96 -10.19
N VAL D 153 16.69 5.02 -10.96
CA VAL D 153 15.26 4.85 -11.18
C VAL D 153 14.64 5.90 -12.09
N ILE D 154 15.02 7.16 -11.87
CA ILE D 154 14.30 8.28 -12.47
C ILE D 154 15.19 9.47 -12.81
N HIS D 155 14.82 10.13 -13.89
CA HIS D 155 15.34 11.44 -14.26
C HIS D 155 14.25 12.46 -14.12
N ALA D 156 14.59 13.59 -13.49
CA ALA D 156 13.73 14.77 -13.51
C ALA D 156 14.51 16.02 -13.93
N SER D 157 13.91 16.89 -14.75
CA SER D 157 14.55 18.15 -15.13
C SER D 157 15.05 18.94 -13.91
N ALA D 158 16.32 19.35 -13.92
CA ALA D 158 16.91 20.05 -12.77
C ALA D 158 16.40 21.49 -12.48
N ASN D 159 15.86 22.15 -13.50
CA ASN D 159 15.49 23.59 -13.41
C ASN D 159 14.63 24.04 -14.62
N GLU D 160 14.09 25.25 -14.55
CA GLU D 160 13.20 25.77 -15.62
C GLU D 160 13.82 25.62 -17.02
N ALA D 161 15.10 25.96 -17.11
CA ALA D 161 15.86 25.95 -18.38
C ALA D 161 16.08 24.55 -18.97
N ASP D 162 16.54 23.60 -18.15
CA ASP D 162 16.66 22.21 -18.54
C ASP D 162 15.31 21.67 -19.00
N ALA D 163 14.26 21.91 -18.21
CA ALA D 163 12.90 21.52 -18.56
C ALA D 163 12.50 22.03 -19.93
N MET D 164 12.72 23.32 -20.18
CA MET D 164 12.38 23.92 -21.47
C MET D 164 13.13 23.27 -22.63
N ARG D 165 14.42 23.04 -22.43
CA ARG D 165 15.24 22.35 -23.44
C ARG D 165 14.82 20.86 -23.63
N GLU D 166 14.57 20.15 -22.52
CA GLU D 166 14.37 18.69 -22.53
C GLU D 166 13.03 18.20 -23.11
N ILE D 167 11.93 18.78 -22.67
CA ILE D 167 10.58 18.41 -23.14
C ILE D 167 10.46 18.24 -24.68
N PRO D 168 10.84 19.27 -25.48
CA PRO D 168 10.64 19.16 -26.94
C PRO D 168 11.52 18.10 -27.60
N ILE D 169 12.56 17.66 -26.90
CA ILE D 169 13.41 16.58 -27.40
C ILE D 169 12.66 15.23 -27.37
N TRP D 170 11.77 15.07 -26.40
CA TRP D 170 11.04 13.82 -26.23
C TRP D 170 9.64 13.89 -26.76
N PHE D 171 9.05 15.07 -26.72
CA PHE D 171 7.66 15.24 -27.13
C PHE D 171 7.48 16.38 -28.14
N LYS D 172 6.65 16.13 -29.16
CA LYS D 172 6.19 17.18 -30.06
C LYS D 172 5.07 17.95 -29.36
N ASP D 173 4.86 19.20 -29.77
CA ASP D 173 3.88 20.09 -29.11
C ASP D 173 2.49 19.49 -28.94
N ASN D 174 2.00 18.77 -29.96
CA ASN D 174 0.66 18.21 -29.98
C ASN D 174 0.54 16.91 -29.18
N GLU D 175 1.64 16.50 -28.55
CA GLU D 175 1.67 15.34 -27.67
C GLU D 175 1.54 15.78 -26.20
N ILE D 176 1.60 17.09 -25.95
CA ILE D 176 1.32 17.66 -24.62
C ILE D 176 -0.18 17.96 -24.49
N LEU D 177 -0.83 17.31 -23.53
CA LEU D 177 -2.30 17.32 -23.39
C LEU D 177 -2.81 18.40 -22.43
N ASN D 178 -3.97 18.98 -22.77
CA ASN D 178 -4.69 19.93 -21.90
C ASN D 178 -6.03 19.33 -21.45
N TYR D 179 -6.18 19.13 -20.14
CA TYR D 179 -7.39 18.57 -19.52
C TYR D 179 -7.34 18.87 -18.04
N LYS D 180 -8.45 18.70 -17.36
CA LYS D 180 -8.56 19.00 -15.93
C LYS D 180 -8.63 17.73 -15.11
N ARG D 181 -7.75 17.61 -14.14
CA ARG D 181 -7.91 16.60 -13.12
C ARG D 181 -9.13 16.96 -12.28
N ASP D 182 -9.82 15.94 -11.78
CA ASP D 182 -11.01 16.18 -10.98
C ASP D 182 -10.74 16.90 -9.65
N ASP D 183 -9.49 16.82 -9.18
CA ASP D 183 -9.07 17.52 -7.95
C ASP D 183 -8.46 18.90 -8.23
N GLU D 184 -8.48 19.33 -9.49
CA GLU D 184 -7.86 20.60 -9.89
C GLU D 184 -8.14 21.74 -8.91
N CYS D 185 -9.36 21.84 -8.40
CA CYS D 185 -9.72 23.00 -7.57
C CYS D 185 -9.04 22.98 -6.21
N GLU D 186 -8.55 21.82 -5.79
CA GLU D 186 -7.83 21.73 -4.54
C GLU D 186 -6.38 22.18 -4.70
N HIS D 187 -5.89 22.17 -5.95
CA HIS D 187 -4.50 22.49 -6.24
C HIS D 187 -4.33 23.82 -6.93
N TYR D 188 -5.14 24.07 -7.96
CA TYR D 188 -5.05 25.31 -8.73
C TYR D 188 -6.04 26.35 -8.23
N TYR D 189 -7.06 25.91 -7.48
CA TYR D 189 -8.27 26.68 -7.12
C TYR D 189 -9.19 26.91 -8.33
N CYS D 190 -10.46 27.23 -8.11
CA CYS D 190 -11.38 27.48 -9.23
C CYS D 190 -12.25 28.74 -9.12
N SER E 23 6.49 -19.26 -28.61
CA SER E 23 5.22 -19.93 -28.19
C SER E 23 3.95 -19.13 -28.59
N MET E 24 2.93 -19.85 -29.07
CA MET E 24 1.66 -19.22 -29.45
C MET E 24 0.82 -18.83 -28.23
N LEU E 25 1.26 -19.22 -27.04
CA LEU E 25 0.63 -18.79 -25.80
C LEU E 25 1.00 -17.36 -25.41
N LEU E 26 2.14 -16.86 -25.91
CA LEU E 26 2.55 -15.49 -25.66
C LEU E 26 1.68 -14.51 -26.46
N GLN E 27 0.97 -13.61 -25.76
CA GLN E 27 0.07 -12.66 -26.41
C GLN E 27 0.29 -11.21 -25.97
N LYS E 28 -0.13 -10.29 -26.83
CA LYS E 28 -0.21 -8.86 -26.52
C LYS E 28 -1.68 -8.48 -26.45
N THR E 29 -2.01 -7.61 -25.50
CA THR E 29 -3.39 -7.13 -25.34
C THR E 29 -3.36 -5.61 -25.21
N LEU E 30 -4.40 -4.95 -25.73
CA LEU E 30 -4.48 -3.50 -25.66
C LEU E 30 -5.25 -3.04 -24.42
N CYS E 31 -4.65 -2.15 -23.64
CA CYS E 31 -5.34 -1.55 -22.50
C CYS E 31 -5.40 -0.05 -22.59
N ILE E 32 -6.44 0.51 -21.99
CA ILE E 32 -6.64 1.95 -21.94
C ILE E 32 -7.12 2.32 -20.56
N VAL E 33 -6.41 3.21 -19.90
CA VAL E 33 -7.02 3.91 -18.80
C VAL E 33 -7.94 4.93 -19.46
N LYS E 34 -9.23 4.73 -19.23
CA LYS E 34 -10.29 5.59 -19.74
C LYS E 34 -10.25 6.95 -19.05
N PRO E 35 -10.99 7.93 -19.59
CA PRO E 35 -10.93 9.29 -19.06
C PRO E 35 -11.30 9.43 -17.57
N ASP E 36 -12.21 8.58 -17.08
CA ASP E 36 -12.53 8.60 -15.64
C ASP E 36 -11.27 8.25 -14.81
N GLY E 37 -10.51 7.25 -15.24
CA GLY E 37 -9.31 6.85 -14.55
C GLY E 37 -8.19 7.88 -14.65
N VAL E 38 -8.09 8.53 -15.82
CA VAL E 38 -7.09 9.57 -15.98
C VAL E 38 -7.43 10.80 -15.10
N ARG E 39 -8.68 11.26 -15.18
CA ARG E 39 -9.08 12.46 -14.43
C ARG E 39 -9.05 12.23 -12.91
N ARG E 40 -9.17 10.96 -12.49
CA ARG E 40 -9.11 10.61 -11.07
C ARG E 40 -7.69 10.33 -10.56
N GLY E 41 -6.69 10.36 -11.45
CA GLY E 41 -5.28 10.13 -11.10
C GLY E 41 -4.94 8.68 -10.77
N LEU E 42 -5.46 7.75 -11.57
CA LEU E 42 -5.34 6.34 -11.28
C LEU E 42 -4.39 5.58 -12.24
N ILE E 43 -3.70 6.31 -13.11
CA ILE E 43 -2.83 5.67 -14.11
C ILE E 43 -1.83 4.73 -13.40
N GLY E 44 -1.08 5.29 -12.45
CA GLY E 44 -0.09 4.53 -11.70
C GLY E 44 -0.66 3.29 -11.03
N ASP E 45 -1.75 3.49 -10.27
CA ASP E 45 -2.46 2.39 -9.60
C ASP E 45 -2.80 1.25 -10.58
N VAL E 46 -3.34 1.59 -11.75
CA VAL E 46 -3.64 0.57 -12.77
C VAL E 46 -2.38 -0.13 -13.31
N VAL E 47 -1.41 0.65 -13.79
CA VAL E 47 -0.15 0.07 -14.29
C VAL E 47 0.47 -0.92 -13.30
N SER E 48 0.59 -0.52 -12.03
CA SER E 48 1.16 -1.38 -10.98
C SER E 48 0.51 -2.75 -10.86
N ARG E 49 -0.82 -2.82 -10.96
CA ARG E 49 -1.52 -4.09 -10.86
C ARG E 49 -0.98 -5.04 -11.90
N PHE E 50 -0.64 -4.54 -13.09
CA PHE E 50 -0.13 -5.36 -14.18
C PHE E 50 1.35 -5.72 -13.99
N GLU E 51 2.15 -4.76 -13.56
CA GLU E 51 3.56 -5.01 -13.31
C GLU E 51 3.71 -6.02 -12.18
N ARG E 52 2.82 -5.94 -11.19
CA ARG E 52 3.01 -6.68 -9.97
C ARG E 52 2.88 -8.19 -10.23
N VAL E 53 1.97 -8.59 -11.11
CA VAL E 53 1.79 -10.03 -11.38
C VAL E 53 2.84 -10.60 -12.31
N GLY E 54 3.56 -9.74 -13.01
CA GLY E 54 4.61 -10.17 -13.92
C GLY E 54 4.39 -9.82 -15.38
N LEU E 55 3.23 -9.26 -15.70
CA LEU E 55 2.94 -8.84 -17.05
C LEU E 55 3.84 -7.66 -17.41
N LYS E 56 4.16 -7.56 -18.70
CA LYS E 56 5.16 -6.61 -19.16
C LYS E 56 4.55 -5.53 -20.01
N MET E 57 4.83 -4.27 -19.65
CA MET E 57 4.43 -3.16 -20.51
C MET E 57 5.38 -3.00 -21.71
N VAL E 58 4.83 -3.16 -22.91
CA VAL E 58 5.64 -3.07 -24.14
C VAL E 58 5.34 -1.86 -25.04
N ALA E 59 4.38 -1.03 -24.63
CA ALA E 59 4.01 0.19 -25.35
C ALA E 59 3.18 1.07 -24.45
N ALA E 60 3.25 2.38 -24.65
CA ALA E 60 2.46 3.34 -23.88
C ALA E 60 2.39 4.69 -24.58
N LYS E 61 1.19 5.27 -24.62
CA LYS E 61 1.05 6.64 -25.05
C LYS E 61 -0.17 7.33 -24.42
N MET E 62 -0.06 8.62 -24.20
CA MET E 62 -1.18 9.37 -23.67
C MET E 62 -1.65 10.27 -24.79
N LEU E 63 -2.96 10.40 -24.99
CA LEU E 63 -3.48 11.32 -25.99
C LEU E 63 -4.91 11.73 -25.71
N ILE E 64 -5.31 12.85 -26.29
CA ILE E 64 -6.71 13.24 -26.36
C ILE E 64 -7.30 12.40 -27.51
N VAL E 65 -8.36 11.64 -27.26
CA VAL E 65 -8.95 10.84 -28.34
C VAL E 65 -9.87 11.68 -29.23
N ASP E 66 -9.54 11.81 -30.52
CA ASP E 66 -10.48 12.50 -31.42
C ASP E 66 -11.62 11.57 -31.85
N GLU E 67 -12.73 12.17 -32.29
CA GLU E 67 -13.98 11.47 -32.57
C GLU E 67 -13.77 10.29 -33.51
N SER E 68 -12.90 10.52 -34.48
CA SER E 68 -12.61 9.60 -35.56
C SER E 68 -11.90 8.33 -35.05
N LEU E 69 -10.91 8.50 -34.17
CA LEU E 69 -10.20 7.37 -33.55
C LEU E 69 -11.12 6.58 -32.59
N ALA E 70 -12.01 7.28 -31.91
CA ALA E 70 -13.01 6.64 -31.05
C ALA E 70 -13.91 5.74 -31.86
N LYS E 71 -14.30 6.21 -33.05
CA LYS E 71 -15.15 5.45 -33.95
C LYS E 71 -14.45 4.23 -34.56
N LYS E 72 -13.12 4.21 -34.49
CA LYS E 72 -12.37 3.04 -34.97
C LYS E 72 -12.23 1.98 -33.88
N HIS E 73 -12.14 2.42 -32.62
CA HIS E 73 -12.00 1.50 -31.48
C HIS E 73 -13.30 0.86 -31.13
N TYR E 74 -14.37 1.63 -31.10
CA TYR E 74 -15.69 1.09 -30.89
C TYR E 74 -16.46 1.12 -32.21
N LEU E 75 -16.48 -0.01 -32.89
CA LEU E 75 -17.06 -0.07 -34.23
C LEU E 75 -18.57 -0.06 -34.12
N TYR E 76 -19.18 0.88 -34.84
CA TYR E 76 -20.63 0.98 -34.92
C TYR E 76 -21.30 -0.38 -35.10
N ASP E 77 -20.87 -1.13 -36.11
CA ASP E 77 -21.53 -2.38 -36.48
C ASP E 77 -21.49 -3.42 -35.37
N ASP E 78 -20.36 -3.53 -34.69
CA ASP E 78 -20.25 -4.47 -33.58
C ASP E 78 -21.16 -4.08 -32.43
N ILE E 79 -21.11 -2.81 -32.02
CA ILE E 79 -21.79 -2.35 -30.81
C ILE E 79 -23.31 -2.28 -31.00
N VAL E 80 -23.76 -1.87 -32.17
CA VAL E 80 -25.20 -1.75 -32.44
C VAL E 80 -25.84 -3.13 -32.55
N PHE E 81 -25.10 -4.08 -33.12
CA PHE E 81 -25.56 -5.46 -33.25
C PHE E 81 -25.75 -6.16 -31.88
N ARG E 82 -24.76 -6.00 -31.00
CA ARG E 82 -24.77 -6.67 -29.69
C ARG E 82 -25.63 -5.92 -28.69
N HIS E 83 -25.58 -4.60 -28.76
CA HIS E 83 -26.22 -3.75 -27.77
C HIS E 83 -27.25 -2.85 -28.38
N SER E 84 -26.83 -1.67 -28.80
CA SER E 84 -27.70 -0.67 -29.44
C SER E 84 -26.94 0.55 -29.91
N GLU E 85 -27.60 1.32 -30.76
CA GLU E 85 -27.11 2.63 -31.16
C GLU E 85 -26.87 3.57 -29.94
N ALA E 86 -27.78 3.53 -28.96
CA ALA E 86 -27.66 4.37 -27.77
C ALA E 86 -26.41 4.02 -26.92
N VAL E 87 -26.09 2.75 -26.80
CA VAL E 87 -24.85 2.34 -26.17
C VAL E 87 -23.63 2.87 -26.95
N TRP E 88 -23.66 2.73 -28.27
CA TRP E 88 -22.54 3.20 -29.10
C TRP E 88 -22.28 4.68 -28.98
N ASN E 89 -23.31 5.49 -29.19
CA ASN E 89 -23.25 6.94 -28.98
C ASN E 89 -22.63 7.31 -27.65
N SER E 90 -23.02 6.57 -26.61
CA SER E 90 -22.58 6.86 -25.25
C SER E 90 -21.09 6.59 -25.12
N LEU E 91 -20.62 5.50 -25.74
CA LEU E 91 -19.20 5.14 -25.71
C LEU E 91 -18.35 6.21 -26.40
N ILE E 92 -18.84 6.66 -27.56
CA ILE E 92 -18.17 7.67 -28.35
C ILE E 92 -18.14 8.99 -27.58
N LYS E 93 -19.22 9.33 -26.89
CA LYS E 93 -19.24 10.58 -26.11
C LYS E 93 -18.33 10.50 -24.87
N PHE E 94 -18.19 9.32 -24.30
CA PHE E 94 -17.32 9.10 -23.13
C PHE E 94 -15.87 9.38 -23.50
N ILE E 95 -15.37 8.76 -24.55
CA ILE E 95 -13.94 8.89 -24.87
C ILE E 95 -13.53 10.03 -25.84
N SER E 96 -14.45 10.49 -26.68
CA SER E 96 -14.13 11.57 -27.64
C SER E 96 -13.74 12.90 -26.99
N ASN E 97 -12.68 13.50 -27.54
CA ASN E 97 -12.11 14.77 -27.06
CA ASN E 97 -12.14 14.78 -27.05
C ASN E 97 -11.74 14.69 -25.57
N SER E 98 -11.38 13.49 -25.13
CA SER E 98 -11.04 13.23 -23.74
C SER E 98 -9.68 12.54 -23.63
N PRO E 99 -9.02 12.70 -22.48
CA PRO E 99 -7.68 12.13 -22.30
C PRO E 99 -7.73 10.65 -21.95
N VAL E 100 -6.83 9.85 -22.52
CA VAL E 100 -6.69 8.44 -22.15
C VAL E 100 -5.22 8.05 -22.06
N PHE E 101 -4.94 7.00 -21.29
CA PHE E 101 -3.63 6.41 -21.25
C PHE E 101 -3.71 4.98 -21.85
N THR E 102 -3.18 4.83 -23.05
CA THR E 102 -3.19 3.55 -23.74
C THR E 102 -1.85 2.88 -23.60
N PHE E 103 -1.89 1.57 -23.41
CA PHE E 103 -0.67 0.81 -23.33
C PHE E 103 -0.91 -0.62 -23.76
N VAL E 104 0.16 -1.33 -24.06
CA VAL E 104 0.09 -2.70 -24.48
C VAL E 104 0.86 -3.55 -23.50
N VAL E 105 0.24 -4.66 -23.13
CA VAL E 105 0.79 -5.61 -22.17
C VAL E 105 1.07 -6.92 -22.90
N GLU E 106 2.22 -7.53 -22.57
CA GLU E 106 2.66 -8.80 -23.13
C GLU E 106 2.83 -9.83 -22.03
N GLY E 107 2.46 -11.06 -22.34
CA GLY E 107 2.56 -12.14 -21.39
C GLY E 107 1.99 -13.43 -21.91
N VAL E 108 2.26 -14.49 -21.16
CA VAL E 108 1.65 -15.79 -21.34
C VAL E 108 0.14 -15.65 -21.11
N GLU E 109 -0.62 -15.96 -22.16
CA GLU E 109 -2.08 -15.84 -22.14
C GLU E 109 -2.51 -14.51 -21.49
N SER E 110 -1.79 -13.44 -21.84
CA SER E 110 -2.03 -12.16 -21.23
C SER E 110 -3.50 -11.69 -21.36
N ILE E 111 -4.14 -11.98 -22.50
CA ILE E 111 -5.50 -11.48 -22.76
C ILE E 111 -6.46 -11.93 -21.68
N GLU E 112 -6.46 -13.24 -21.43
CA GLU E 112 -7.26 -13.83 -20.39
C GLU E 112 -6.88 -13.26 -19.02
N VAL E 113 -5.58 -13.19 -18.74
CA VAL E 113 -5.09 -12.76 -17.43
C VAL E 113 -5.47 -11.29 -17.17
N VAL E 114 -5.42 -10.46 -18.20
CA VAL E 114 -5.84 -9.05 -18.08
C VAL E 114 -7.35 -8.91 -17.83
N ARG E 115 -8.17 -9.71 -18.51
CA ARG E 115 -9.61 -9.73 -18.26
C ARG E 115 -9.83 -10.01 -16.78
N LYS E 116 -9.15 -11.03 -16.25
CA LYS E 116 -9.31 -11.43 -14.85
C LYS E 116 -8.93 -10.28 -13.89
N LEU E 117 -7.82 -9.60 -14.17
CA LEU E 117 -7.36 -8.50 -13.30
C LEU E 117 -8.25 -7.26 -13.34
N CYS E 118 -8.90 -7.02 -14.48
CA CYS E 118 -9.83 -5.89 -14.60
C CYS E 118 -11.13 -6.15 -13.82
N GLY E 119 -11.62 -7.39 -13.85
CA GLY E 119 -12.89 -7.75 -13.25
C GLY E 119 -14.06 -7.45 -14.16
N ALA E 120 -15.27 -7.72 -13.69
CA ALA E 120 -16.49 -7.59 -14.51
C ALA E 120 -16.63 -6.17 -15.05
N THR E 121 -17.20 -6.07 -16.25
CA THR E 121 -17.48 -4.82 -16.94
C THR E 121 -18.26 -3.84 -16.07
N GLU E 122 -19.23 -4.35 -15.31
CA GLU E 122 -20.04 -3.53 -14.41
C GLU E 122 -19.34 -3.41 -13.05
N PRO E 123 -18.89 -2.19 -12.70
CA PRO E 123 -18.24 -1.96 -11.41
C PRO E 123 -19.01 -2.45 -10.18
N LYS E 124 -20.34 -2.25 -10.15
CA LYS E 124 -21.19 -2.81 -9.08
C LYS E 124 -20.91 -4.29 -8.79
N LEU E 125 -20.76 -5.09 -9.84
CA LEU E 125 -20.50 -6.52 -9.65
C LEU E 125 -19.02 -6.87 -9.57
N ALA E 126 -18.13 -5.98 -10.00
CA ALA E 126 -16.68 -6.25 -10.04
C ALA E 126 -16.15 -6.72 -8.67
N ILE E 127 -15.44 -7.83 -8.66
CA ILE E 127 -15.04 -8.46 -7.41
C ILE E 127 -13.90 -7.65 -6.79
N PRO E 128 -13.96 -7.40 -5.47
CA PRO E 128 -12.85 -6.73 -4.78
C PRO E 128 -11.55 -7.48 -5.05
N GLY E 129 -10.44 -6.76 -5.15
CA GLY E 129 -9.19 -7.34 -5.64
C GLY E 129 -8.93 -6.99 -7.10
N THR E 130 -9.98 -6.80 -7.89
CA THR E 130 -9.82 -6.37 -9.28
C THR E 130 -9.70 -4.85 -9.40
N ILE E 131 -9.16 -4.38 -10.52
CA ILE E 131 -9.08 -2.94 -10.81
C ILE E 131 -10.44 -2.26 -10.64
N ARG E 132 -11.44 -2.76 -11.37
CA ARG E 132 -12.79 -2.19 -11.36
C ARG E 132 -13.47 -2.37 -10.02
N GLY E 133 -13.18 -3.48 -9.35
CA GLY E 133 -13.71 -3.73 -8.00
C GLY E 133 -13.12 -2.86 -6.90
N ASP E 134 -11.88 -2.41 -7.06
CA ASP E 134 -11.22 -1.61 -6.06
C ASP E 134 -11.38 -0.11 -6.32
N PHE E 135 -11.56 0.27 -7.58
CA PHE E 135 -11.48 1.68 -7.95
C PHE E 135 -12.78 2.32 -8.45
N SER E 136 -13.84 1.54 -8.62
CA SER E 136 -15.13 2.04 -9.12
C SER E 136 -16.28 1.19 -8.58
N TYR E 137 -17.52 1.63 -8.74
CA TYR E 137 -18.61 0.91 -8.11
C TYR E 137 -20.01 1.04 -8.73
N HIS E 138 -20.24 2.00 -9.62
CA HIS E 138 -21.64 2.24 -10.06
C HIS E 138 -22.17 1.21 -11.03
N SER E 139 -23.48 1.24 -11.30
CA SER E 139 -24.18 0.15 -12.00
C SER E 139 -24.68 0.51 -13.40
N PHE E 140 -24.91 -0.52 -14.22
CA PHE E 140 -25.57 -0.33 -15.52
C PHE E 140 -26.96 0.25 -15.39
N LYS E 141 -27.68 -0.15 -14.34
CA LYS E 141 -29.03 0.33 -14.12
C LYS E 141 -29.02 1.86 -14.04
N TYR E 142 -28.08 2.40 -13.28
CA TYR E 142 -27.89 3.82 -13.15
C TYR E 142 -27.38 4.45 -14.43
N SER E 143 -26.37 3.85 -15.04
CA SER E 143 -25.84 4.37 -16.30
C SER E 143 -26.93 4.42 -17.36
N ASN E 144 -27.71 3.35 -17.48
CA ASN E 144 -28.86 3.32 -18.38
C ASN E 144 -29.92 4.38 -18.04
N GLU E 145 -30.18 4.62 -16.75
CA GLU E 145 -31.18 5.61 -16.34
C GLU E 145 -30.74 7.01 -16.74
N LYS E 146 -29.45 7.28 -16.55
CA LYS E 146 -28.91 8.62 -16.79
C LYS E 146 -28.50 8.88 -18.23
N GLY E 147 -28.40 7.84 -19.05
CA GLY E 147 -28.03 8.01 -20.47
C GLY E 147 -26.54 8.16 -20.72
N PHE E 148 -25.71 7.61 -19.82
CA PHE E 148 -24.26 7.67 -19.98
C PHE E 148 -23.67 6.29 -20.11
N SER E 149 -22.49 6.23 -20.68
CA SER E 149 -21.66 5.03 -20.66
C SER E 149 -21.30 4.66 -19.21
N ILE E 150 -21.18 3.37 -18.93
CA ILE E 150 -20.59 2.96 -17.66
C ILE E 150 -19.16 3.56 -17.55
N TYR E 151 -18.79 4.10 -16.39
CA TYR E 151 -17.43 4.59 -16.21
C TYR E 151 -16.66 3.52 -15.40
N ASN E 152 -16.01 2.61 -16.11
CA ASN E 152 -15.36 1.47 -15.49
C ASN E 152 -13.82 1.44 -15.58
N VAL E 153 -13.21 2.63 -15.58
CA VAL E 153 -11.77 2.85 -15.36
C VAL E 153 -10.86 2.40 -16.50
N ILE E 154 -11.06 1.18 -16.99
CA ILE E 154 -10.14 0.58 -17.90
C ILE E 154 -10.82 -0.20 -19.02
N HIS E 155 -10.18 -0.22 -20.19
CA HIS E 155 -10.55 -1.11 -21.28
C HIS E 155 -9.47 -2.09 -21.51
N ALA E 156 -9.86 -3.34 -21.79
CA ALA E 156 -8.88 -4.33 -22.24
C ALA E 156 -9.48 -5.17 -23.34
N SER E 157 -8.66 -5.58 -24.30
CA SER E 157 -9.16 -6.42 -25.40
C SER E 157 -9.82 -7.67 -24.85
N ALA E 158 -11.03 -7.94 -25.33
CA ALA E 158 -11.83 -9.06 -24.86
C ALA E 158 -11.27 -10.42 -25.29
N ASN E 159 -10.61 -10.46 -26.43
CA ASN E 159 -10.09 -11.73 -26.97
C ASN E 159 -9.00 -11.47 -28.00
N GLU E 160 -8.45 -12.55 -28.56
CA GLU E 160 -7.31 -12.46 -29.45
C GLU E 160 -7.61 -11.70 -30.75
N ALA E 161 -8.74 -12.00 -31.38
CA ALA E 161 -9.20 -11.21 -32.53
C ALA E 161 -9.26 -9.71 -32.20
N ASP E 162 -9.87 -9.35 -31.07
CA ASP E 162 -9.99 -7.94 -30.70
C ASP E 162 -8.63 -7.26 -30.46
N ALA E 163 -7.72 -7.96 -29.78
CA ALA E 163 -6.37 -7.43 -29.58
C ALA E 163 -5.64 -7.23 -30.92
N MET E 164 -5.78 -8.19 -31.82
CA MET E 164 -5.16 -8.07 -33.15
C MET E 164 -5.74 -6.90 -33.92
N ARG E 165 -7.04 -6.65 -33.75
CA ARG E 165 -7.65 -5.48 -34.36
C ARG E 165 -7.24 -4.18 -33.67
N GLU E 166 -7.36 -4.14 -32.35
CA GLU E 166 -7.23 -2.89 -31.58
C GLU E 166 -5.81 -2.31 -31.49
N ILE E 167 -4.81 -3.18 -31.29
CA ILE E 167 -3.43 -2.76 -31.15
C ILE E 167 -2.98 -1.79 -32.29
N PRO E 168 -3.05 -2.21 -33.58
CA PRO E 168 -2.53 -1.34 -34.65
C PRO E 168 -3.32 -0.04 -34.81
N ILE E 169 -4.53 0.01 -34.23
CA ILE E 169 -5.32 1.24 -34.24
C ILE E 169 -4.70 2.32 -33.33
N TRP E 170 -4.00 1.89 -32.28
CA TRP E 170 -3.43 2.83 -31.31
C TRP E 170 -1.97 2.99 -31.45
N PHE E 171 -1.28 1.96 -31.93
CA PHE E 171 0.19 1.96 -32.00
C PHE E 171 0.71 1.56 -33.36
N LYS E 172 1.81 2.18 -33.79
CA LYS E 172 2.50 1.73 -34.98
C LYS E 172 3.45 0.62 -34.58
N ASP E 173 3.79 -0.25 -35.53
CA ASP E 173 4.64 -1.38 -35.28
C ASP E 173 5.91 -1.00 -34.51
N ASN E 174 6.59 0.07 -34.92
CA ASN E 174 7.82 0.53 -34.24
C ASN E 174 7.60 1.16 -32.85
N GLU E 175 6.36 1.20 -32.38
CA GLU E 175 6.09 1.73 -31.05
C GLU E 175 5.92 0.60 -30.04
N ILE E 176 6.06 -0.63 -30.51
CA ILE E 176 5.95 -1.84 -29.69
C ILE E 176 7.35 -2.28 -29.33
N LEU E 177 7.66 -2.39 -28.05
CA LEU E 177 9.05 -2.56 -27.60
C LEU E 177 9.45 -4.00 -27.31
N ASN E 178 10.66 -4.37 -27.73
CA ASN E 178 11.27 -5.66 -27.41
CA ASN E 178 11.26 -5.66 -27.40
C ASN E 178 12.36 -5.50 -26.35
N TYR E 179 12.16 -6.10 -25.18
CA TYR E 179 13.12 -5.98 -24.07
C TYR E 179 12.80 -6.99 -22.96
N LYS E 180 13.77 -7.22 -22.10
CA LYS E 180 13.60 -8.20 -21.03
C LYS E 180 13.26 -7.55 -19.70
N ARG E 181 12.14 -7.95 -19.09
CA ARG E 181 11.97 -7.66 -17.66
C ARG E 181 12.97 -8.49 -16.82
N ASP E 182 13.42 -7.92 -15.69
CA ASP E 182 14.40 -8.61 -14.84
C ASP E 182 13.90 -9.91 -14.26
N ASP E 183 12.58 -10.02 -14.10
CA ASP E 183 11.98 -11.25 -13.61
C ASP E 183 11.54 -12.20 -14.76
N GLU E 184 11.97 -11.92 -15.99
CA GLU E 184 11.60 -12.75 -17.16
C GLU E 184 11.67 -14.25 -16.86
N CYS E 185 12.76 -14.69 -16.22
CA CYS E 185 12.99 -16.11 -16.00
C CYS E 185 11.98 -16.79 -15.09
N GLU E 186 11.21 -16.00 -14.33
CA GLU E 186 10.15 -16.53 -13.44
C GLU E 186 8.80 -16.69 -14.16
N HIS E 187 8.65 -16.03 -15.30
CA HIS E 187 7.40 -16.06 -16.05
C HIS E 187 7.54 -16.79 -17.37
N TYR E 188 8.57 -16.47 -18.14
CA TYR E 188 8.78 -17.12 -19.43
C TYR E 188 9.68 -18.32 -19.30
N TYR E 189 10.46 -18.40 -18.22
CA TYR E 189 11.57 -19.35 -18.07
C TYR E 189 12.73 -18.94 -18.97
N CYS E 190 13.91 -19.51 -18.76
CA CYS E 190 15.09 -19.09 -19.53
C CYS E 190 15.97 -20.27 -19.97
N SER F 23 34.34 -6.91 -4.41
CA SER F 23 34.32 -5.51 -3.91
C SER F 23 34.26 -5.41 -2.39
N MET F 24 35.19 -4.63 -1.83
CA MET F 24 35.20 -4.30 -0.41
C MET F 24 33.93 -3.59 0.05
N LEU F 25 33.22 -2.96 -0.89
CA LEU F 25 31.97 -2.23 -0.58
C LEU F 25 30.75 -3.11 -0.18
N LEU F 26 30.75 -4.37 -0.62
CA LEU F 26 29.71 -5.32 -0.22
C LEU F 26 29.73 -5.59 1.27
N GLN F 27 28.59 -5.39 1.93
CA GLN F 27 28.48 -5.65 3.36
C GLN F 27 27.25 -6.50 3.73
N LYS F 28 27.36 -7.17 4.86
CA LYS F 28 26.23 -7.82 5.49
C LYS F 28 25.98 -7.11 6.81
N THR F 29 24.71 -6.99 7.19
CA THR F 29 24.35 -6.39 8.47
C THR F 29 23.32 -7.27 9.15
N LEU F 30 23.32 -7.27 10.47
CA LEU F 30 22.33 -8.04 11.22
C LEU F 30 21.15 -7.18 11.64
N CYS F 31 19.93 -7.64 11.30
CA CYS F 31 18.71 -6.98 11.71
C CYS F 31 17.89 -7.92 12.57
N ILE F 32 17.19 -7.35 13.54
CA ILE F 32 16.31 -8.11 14.39
C ILE F 32 14.97 -7.39 14.47
N VAL F 33 13.89 -8.05 14.07
CA VAL F 33 12.59 -7.51 14.40
C VAL F 33 12.41 -7.88 15.86
N LYS F 34 12.34 -6.87 16.70
CA LYS F 34 12.28 -7.06 18.14
C LYS F 34 10.89 -7.58 18.59
N PRO F 35 10.78 -7.99 19.86
CA PRO F 35 9.52 -8.59 20.33
C PRO F 35 8.30 -7.72 20.11
N ASP F 36 8.49 -6.41 20.03
CA ASP F 36 7.36 -5.51 19.85
C ASP F 36 6.86 -5.59 18.41
N GLY F 37 7.79 -5.63 17.46
CA GLY F 37 7.41 -5.74 16.07
C GLY F 37 6.77 -7.09 15.75
N VAL F 38 7.27 -8.14 16.39
CA VAL F 38 6.73 -9.48 16.19
C VAL F 38 5.30 -9.54 16.74
N ARG F 39 5.14 -9.20 18.02
CA ARG F 39 3.83 -9.28 18.67
C ARG F 39 2.79 -8.37 18.01
N ARG F 40 3.26 -7.37 17.25
CA ARG F 40 2.35 -6.47 16.53
C ARG F 40 2.07 -6.91 15.09
N GLY F 41 2.67 -8.01 14.66
CA GLY F 41 2.53 -8.49 13.28
C GLY F 41 3.20 -7.64 12.22
N LEU F 42 4.37 -7.06 12.54
CA LEU F 42 5.05 -6.17 11.60
C LEU F 42 6.19 -6.80 10.81
N ILE F 43 6.46 -8.10 11.03
CA ILE F 43 7.61 -8.75 10.37
C ILE F 43 7.66 -8.49 8.86
N GLY F 44 6.52 -8.71 8.19
CA GLY F 44 6.39 -8.59 6.76
C GLY F 44 6.70 -7.17 6.32
N ASP F 45 6.07 -6.22 7.01
CA ASP F 45 6.20 -4.80 6.74
C ASP F 45 7.66 -4.35 6.78
N VAL F 46 8.40 -4.83 7.78
CA VAL F 46 9.82 -4.54 7.94
C VAL F 46 10.64 -5.16 6.80
N VAL F 47 10.46 -6.46 6.56
CA VAL F 47 11.22 -7.13 5.51
C VAL F 47 11.02 -6.46 4.13
N SER F 48 9.78 -6.10 3.80
CA SER F 48 9.46 -5.50 2.51
C SER F 48 10.19 -4.20 2.26
N ARG F 49 10.46 -3.47 3.34
CA ARG F 49 11.12 -2.18 3.23
C ARG F 49 12.52 -2.39 2.67
N PHE F 50 13.18 -3.44 3.14
CA PHE F 50 14.51 -3.79 2.68
C PHE F 50 14.56 -4.42 1.30
N GLU F 51 13.64 -5.35 1.01
CA GLU F 51 13.58 -5.94 -0.32
C GLU F 51 13.30 -4.86 -1.37
N ARG F 52 12.48 -3.88 -1.00
CA ARG F 52 11.96 -2.91 -1.96
C ARG F 52 13.05 -1.97 -2.50
N VAL F 53 14.03 -1.60 -1.67
CA VAL F 53 15.13 -0.75 -2.15
C VAL F 53 16.16 -1.54 -2.94
N GLY F 54 16.09 -2.87 -2.88
CA GLY F 54 17.02 -3.71 -3.60
C GLY F 54 18.03 -4.48 -2.75
N LEU F 55 17.95 -4.37 -1.42
CA LEU F 55 18.78 -5.18 -0.53
C LEU F 55 18.29 -6.61 -0.48
N LYS F 56 19.21 -7.54 -0.24
CA LYS F 56 18.95 -8.97 -0.34
C LYS F 56 18.93 -9.61 1.06
N MET F 57 17.91 -10.41 1.35
CA MET F 57 17.89 -11.24 2.56
C MET F 57 18.70 -12.53 2.34
N VAL F 58 19.72 -12.74 3.17
CA VAL F 58 20.65 -13.88 2.96
C VAL F 58 20.67 -14.83 4.14
N ALA F 59 19.79 -14.58 5.10
CA ALA F 59 19.66 -15.40 6.31
C ALA F 59 18.44 -14.95 7.11
N ALA F 60 17.75 -15.91 7.73
CA ALA F 60 16.61 -15.62 8.58
C ALA F 60 16.35 -16.75 9.52
N LYS F 61 15.94 -16.41 10.74
CA LYS F 61 15.32 -17.37 11.64
C LYS F 61 14.48 -16.72 12.74
N MET F 62 13.56 -17.49 13.26
CA MET F 62 12.72 -16.99 14.32
C MET F 62 13.03 -17.79 15.58
N LEU F 63 13.10 -17.12 16.72
CA LEU F 63 13.37 -17.80 17.98
C LEU F 63 12.91 -17.01 19.19
N ILE F 64 12.64 -17.73 20.28
CA ILE F 64 12.52 -17.16 21.61
C ILE F 64 13.97 -16.99 22.12
N VAL F 65 14.32 -15.77 22.49
CA VAL F 65 15.65 -15.46 22.96
C VAL F 65 15.81 -15.80 24.43
N ASP F 66 16.75 -16.69 24.76
CA ASP F 66 17.05 -16.91 26.17
C ASP F 66 18.00 -15.87 26.70
N GLU F 67 17.87 -15.67 28.01
CA GLU F 67 18.68 -14.77 28.79
C GLU F 67 20.15 -14.80 28.34
N SER F 68 20.70 -16.00 28.16
CA SER F 68 22.10 -16.15 27.81
C SER F 68 22.49 -15.60 26.44
N LEU F 69 21.58 -15.76 25.47
CA LEU F 69 21.76 -15.20 24.13
C LEU F 69 21.59 -13.67 24.18
N ALA F 70 20.59 -13.22 24.93
CA ALA F 70 20.41 -11.79 25.18
C ALA F 70 21.69 -11.13 25.69
N LYS F 71 22.36 -11.80 26.63
CA LYS F 71 23.54 -11.23 27.28
C LYS F 71 24.77 -11.25 26.36
N LYS F 72 24.73 -12.07 25.33
CA LYS F 72 25.79 -12.02 24.32
C LYS F 72 25.53 -10.91 23.31
N HIS F 73 24.28 -10.71 22.90
CA HIS F 73 23.95 -9.67 21.91
C HIS F 73 24.16 -8.31 22.48
N TYR F 74 23.67 -8.12 23.69
CA TYR F 74 23.93 -6.89 24.44
C TYR F 74 25.01 -7.11 25.49
N LEU F 75 26.23 -6.71 25.19
CA LEU F 75 27.31 -6.98 26.14
C LEU F 75 27.27 -6.03 27.33
N TYR F 76 27.27 -6.62 28.54
CA TYR F 76 27.29 -5.83 29.76
C TYR F 76 28.34 -4.72 29.71
N ASP F 77 29.59 -5.07 29.45
CA ASP F 77 30.69 -4.11 29.55
C ASP F 77 30.58 -2.97 28.53
N ASP F 78 30.14 -3.29 27.32
CA ASP F 78 29.94 -2.29 26.26
C ASP F 78 28.83 -1.28 26.62
N ILE F 79 27.64 -1.80 26.92
CA ILE F 79 26.46 -0.98 27.18
C ILE F 79 26.64 -0.10 28.41
N VAL F 80 27.06 -0.70 29.52
CA VAL F 80 27.35 0.01 30.76
C VAL F 80 28.28 1.24 30.51
N PHE F 81 29.39 1.01 29.82
CA PHE F 81 30.35 2.06 29.49
C PHE F 81 29.68 3.18 28.69
N ARG F 82 28.93 2.81 27.65
CA ARG F 82 28.33 3.82 26.77
C ARG F 82 27.06 4.40 27.37
N HIS F 83 26.44 3.65 28.28
CA HIS F 83 25.17 4.04 28.89
C HIS F 83 25.16 3.90 30.39
N SER F 84 24.65 2.76 30.90
CA SER F 84 24.51 2.51 32.35
C SER F 84 23.96 1.11 32.58
N GLU F 85 23.97 0.64 33.83
CA GLU F 85 23.48 -0.70 34.15
C GLU F 85 21.96 -0.81 34.01
N ALA F 86 21.23 0.24 34.42
CA ALA F 86 19.77 0.23 34.27
C ALA F 86 19.38 0.09 32.79
N VAL F 87 20.17 0.69 31.90
CA VAL F 87 19.89 0.65 30.46
C VAL F 87 20.11 -0.77 29.88
N TRP F 88 21.18 -1.40 30.32
CA TRP F 88 21.48 -2.77 29.93
C TRP F 88 20.43 -3.73 30.43
N ASN F 89 20.10 -3.62 31.72
CA ASN F 89 19.10 -4.50 32.31
CA ASN F 89 19.07 -4.43 32.37
C ASN F 89 17.78 -4.48 31.55
N SER F 90 17.31 -3.27 31.22
CA SER F 90 16.03 -3.12 30.57
C SER F 90 16.08 -3.67 29.11
N LEU F 91 17.25 -3.60 28.48
CA LEU F 91 17.46 -4.25 27.18
C LEU F 91 17.32 -5.77 27.26
N ILE F 92 17.90 -6.34 28.33
CA ILE F 92 17.85 -7.78 28.58
C ILE F 92 16.43 -8.20 28.91
N LYS F 93 15.74 -7.40 29.71
CA LYS F 93 14.36 -7.71 30.12
C LYS F 93 13.39 -7.72 28.92
N PHE F 94 13.58 -6.77 28.01
CA PHE F 94 12.77 -6.62 26.79
C PHE F 94 12.87 -7.84 25.87
N ILE F 95 14.10 -8.26 25.57
CA ILE F 95 14.26 -9.34 24.58
C ILE F 95 14.24 -10.76 25.15
N SER F 96 14.65 -10.95 26.40
CA SER F 96 14.70 -12.26 27.06
C SER F 96 13.37 -12.99 27.11
N ASN F 97 13.40 -14.28 26.78
CA ASN F 97 12.19 -15.11 26.79
CA ASN F 97 12.20 -15.15 26.76
C ASN F 97 11.08 -14.55 25.90
N SER F 98 11.47 -13.81 24.87
CA SER F 98 10.57 -13.14 23.93
C SER F 98 10.89 -13.49 22.49
N PRO F 99 9.85 -13.55 21.62
CA PRO F 99 10.06 -13.86 20.20
C PRO F 99 10.75 -12.74 19.43
N VAL F 100 11.72 -13.11 18.61
CA VAL F 100 12.28 -12.20 17.64
C VAL F 100 12.39 -12.81 16.24
N PHE F 101 12.45 -11.94 15.24
CA PHE F 101 12.75 -12.34 13.90
C PHE F 101 14.11 -11.74 13.50
N THR F 102 15.09 -12.61 13.33
CA THR F 102 16.44 -12.17 13.04
C THR F 102 16.78 -12.56 11.60
N PHE F 103 17.40 -11.62 10.89
CA PHE F 103 17.75 -11.81 9.51
C PHE F 103 19.02 -11.02 9.12
N VAL F 104 19.74 -11.49 8.10
CA VAL F 104 20.90 -10.80 7.56
C VAL F 104 20.60 -10.23 6.18
N VAL F 105 21.10 -9.03 5.91
CA VAL F 105 20.88 -8.29 4.69
C VAL F 105 22.23 -8.02 4.05
N GLU F 106 22.34 -8.27 2.74
CA GLU F 106 23.53 -8.01 1.95
C GLU F 106 23.31 -6.93 0.89
N GLY F 107 24.35 -6.13 0.66
CA GLY F 107 24.40 -5.18 -0.44
C GLY F 107 25.52 -4.16 -0.34
N VAL F 108 25.61 -3.31 -1.36
CA VAL F 108 26.60 -2.23 -1.42
C VAL F 108 26.38 -1.34 -0.21
N GLU F 109 27.41 -1.22 0.62
CA GLU F 109 27.35 -0.37 1.82
C GLU F 109 26.03 -0.53 2.59
N SER F 110 25.65 -1.78 2.82
CA SER F 110 24.38 -2.11 3.43
C SER F 110 24.22 -1.63 4.88
N ILE F 111 25.29 -1.65 5.69
CA ILE F 111 25.18 -1.22 7.10
C ILE F 111 24.60 0.20 7.20
N GLU F 112 25.23 1.13 6.48
CA GLU F 112 24.75 2.49 6.39
C GLU F 112 23.32 2.61 5.84
N VAL F 113 23.05 1.96 4.71
CA VAL F 113 21.72 1.98 4.09
C VAL F 113 20.63 1.50 5.06
N VAL F 114 20.89 0.39 5.74
CA VAL F 114 19.97 -0.12 6.74
C VAL F 114 19.72 0.89 7.90
N ARG F 115 20.79 1.47 8.46
CA ARG F 115 20.66 2.54 9.45
C ARG F 115 19.74 3.65 8.94
N LYS F 116 19.96 4.09 7.70
CA LYS F 116 19.10 5.10 7.11
C LYS F 116 17.61 4.67 7.04
N LEU F 117 17.35 3.42 6.66
CA LEU F 117 15.97 2.94 6.54
C LEU F 117 15.24 2.77 7.86
N CYS F 118 15.96 2.44 8.91
CA CYS F 118 15.37 2.27 10.24
C CYS F 118 14.99 3.61 10.84
N GLY F 119 15.82 4.63 10.59
CA GLY F 119 15.64 5.93 11.20
C GLY F 119 16.20 5.96 12.60
N ALA F 120 16.06 7.11 13.26
CA ALA F 120 16.67 7.37 14.54
C ALA F 120 16.26 6.34 15.58
N THR F 121 17.20 6.00 16.47
CA THR F 121 16.92 5.14 17.61
C THR F 121 15.60 5.48 18.32
N GLU F 122 15.34 6.77 18.55
CA GLU F 122 14.15 7.20 19.30
C GLU F 122 12.96 7.40 18.36
N PRO F 123 11.92 6.56 18.49
CA PRO F 123 10.72 6.66 17.64
C PRO F 123 10.13 8.07 17.57
N LYS F 124 10.08 8.78 18.69
CA LYS F 124 9.61 10.16 18.69
C LYS F 124 10.31 10.96 17.58
N LEU F 125 11.61 10.72 17.40
CA LEU F 125 12.37 11.50 16.44
C LEU F 125 12.51 10.88 15.08
N ALA F 126 12.27 9.58 14.96
CA ALA F 126 12.38 8.92 13.65
C ALA F 126 11.49 9.64 12.62
N ILE F 127 12.10 9.96 11.48
CA ILE F 127 11.46 10.70 10.40
C ILE F 127 10.42 9.81 9.67
N PRO F 128 9.23 10.37 9.36
CA PRO F 128 8.29 9.57 8.58
C PRO F 128 8.98 9.12 7.30
N GLY F 129 8.63 7.93 6.81
CA GLY F 129 9.40 7.29 5.74
C GLY F 129 10.32 6.18 6.22
N THR F 130 10.82 6.31 7.45
CA THR F 130 11.64 5.27 8.06
C THR F 130 10.80 4.19 8.74
N ILE F 131 11.38 3.01 8.95
CA ILE F 131 10.67 1.95 9.66
C ILE F 131 10.20 2.47 11.02
N ARG F 132 11.11 2.98 11.84
CA ARG F 132 10.72 3.43 13.16
C ARG F 132 9.76 4.60 13.11
N GLY F 133 9.90 5.50 12.14
CA GLY F 133 8.98 6.65 12.02
C GLY F 133 7.55 6.27 11.63
N ASP F 134 7.43 5.22 10.83
CA ASP F 134 6.14 4.83 10.31
C ASP F 134 5.39 3.90 11.27
N PHE F 135 6.10 3.22 12.16
CA PHE F 135 5.49 2.16 12.95
C PHE F 135 5.54 2.32 14.44
N SER F 136 6.29 3.32 14.91
CA SER F 136 6.42 3.57 16.34
C SER F 136 6.51 5.06 16.61
N TYR F 137 6.35 5.48 17.87
CA TYR F 137 6.33 6.92 18.17
C TYR F 137 6.83 7.35 19.56
N HIS F 138 6.85 6.46 20.54
CA HIS F 138 7.15 6.89 21.91
C HIS F 138 8.58 7.38 22.17
N SER F 139 8.83 7.95 23.35
CA SER F 139 10.08 8.69 23.62
C SER F 139 11.00 8.10 24.71
N PHE F 140 12.29 8.40 24.58
CA PHE F 140 13.29 8.04 25.61
C PHE F 140 12.90 8.60 26.97
N LYS F 141 12.39 9.84 26.95
CA LYS F 141 11.90 10.48 28.15
C LYS F 141 10.81 9.65 28.84
N TYR F 142 9.88 9.10 28.07
CA TYR F 142 8.82 8.27 28.62
C TYR F 142 9.40 6.94 29.10
N SER F 143 10.24 6.32 28.27
CA SER F 143 10.80 5.02 28.59
C SER F 143 11.69 5.10 29.84
N ASN F 144 12.44 6.20 30.00
CA ASN F 144 13.22 6.41 31.22
C ASN F 144 12.36 6.57 32.45
N GLU F 145 11.21 7.23 32.31
CA GLU F 145 10.30 7.42 33.44
C GLU F 145 9.67 6.09 33.89
N LYS F 146 9.34 5.21 32.94
CA LYS F 146 8.65 3.97 33.32
C LYS F 146 9.59 2.81 33.65
N GLY F 147 10.88 2.96 33.32
CA GLY F 147 11.88 1.97 33.69
C GLY F 147 12.02 0.87 32.65
N PHE F 148 11.55 1.14 31.43
CA PHE F 148 11.64 0.19 30.33
C PHE F 148 12.57 0.69 29.23
N SER F 149 13.08 -0.26 28.46
CA SER F 149 13.78 0.05 27.24
C SER F 149 12.81 0.74 26.27
N ILE F 150 13.37 1.51 25.35
CA ILE F 150 12.61 1.97 24.18
C ILE F 150 12.18 0.74 23.34
N TYR F 151 10.92 0.74 22.89
CA TYR F 151 10.40 -0.28 21.99
C TYR F 151 10.37 0.32 20.60
N ASN F 152 11.40 0.05 19.83
CA ASN F 152 11.58 0.70 18.55
C ASN F 152 11.68 -0.28 17.39
N VAL F 153 10.98 -1.42 17.51
CA VAL F 153 10.61 -2.32 16.37
C VAL F 153 11.76 -3.18 15.83
N ILE F 154 12.89 -2.53 15.57
CA ILE F 154 14.00 -3.16 14.87
C ILE F 154 15.37 -2.77 15.46
N HIS F 155 16.30 -3.73 15.44
CA HIS F 155 17.72 -3.50 15.67
C HIS F 155 18.44 -3.72 14.38
N ALA F 156 19.45 -2.90 14.12
CA ALA F 156 20.35 -3.10 12.98
C ALA F 156 21.77 -2.80 13.47
N SER F 157 22.77 -3.51 12.97
CA SER F 157 24.17 -3.29 13.38
C SER F 157 24.56 -1.85 13.16
N ALA F 158 25.07 -1.20 14.20
CA ALA F 158 25.41 0.22 14.09
C ALA F 158 26.61 0.47 13.17
N ASN F 159 27.47 -0.53 13.01
CA ASN F 159 28.70 -0.38 12.22
C ASN F 159 29.32 -1.72 11.85
N GLU F 160 30.46 -1.67 11.17
CA GLU F 160 31.10 -2.85 10.62
C GLU F 160 31.58 -3.83 11.67
N ALA F 161 32.38 -3.36 12.63
CA ALA F 161 32.83 -4.23 13.73
C ALA F 161 31.63 -4.88 14.44
N ASP F 162 30.54 -4.12 14.61
CA ASP F 162 29.33 -4.66 15.24
C ASP F 162 28.65 -5.74 14.38
N ALA F 163 28.65 -5.56 13.06
CA ALA F 163 28.04 -6.53 12.17
C ALA F 163 28.85 -7.85 12.22
N MET F 164 30.18 -7.73 12.24
CA MET F 164 31.04 -8.90 12.29
C MET F 164 30.94 -9.67 13.61
N ARG F 165 30.76 -8.96 14.72
CA ARG F 165 30.55 -9.61 16.01
C ARG F 165 29.15 -10.22 16.13
N GLU F 166 28.13 -9.47 15.69
CA GLU F 166 26.73 -9.85 15.91
C GLU F 166 26.22 -11.00 15.05
N ILE F 167 26.64 -11.03 13.79
CA ILE F 167 26.13 -12.02 12.86
C ILE F 167 26.39 -13.47 13.34
N PRO F 168 27.65 -13.83 13.66
CA PRO F 168 27.93 -15.18 14.16
C PRO F 168 27.23 -15.52 15.45
N ILE F 169 26.81 -14.52 16.22
CA ILE F 169 26.04 -14.75 17.44
C ILE F 169 24.68 -15.40 17.11
N TRP F 170 24.07 -15.00 16.00
CA TRP F 170 22.73 -15.46 15.66
C TRP F 170 22.70 -16.54 14.62
N PHE F 171 23.73 -16.56 13.76
CA PHE F 171 23.74 -17.43 12.60
C PHE F 171 25.03 -18.21 12.50
N LYS F 172 24.92 -19.51 12.25
CA LYS F 172 26.08 -20.32 11.91
C LYS F 172 26.48 -19.97 10.48
N ASP F 173 27.75 -20.17 10.16
CA ASP F 173 28.30 -19.81 8.86
C ASP F 173 27.53 -20.46 7.70
N ASN F 174 27.04 -21.69 7.91
CA ASN F 174 26.27 -22.43 6.91
C ASN F 174 24.79 -22.02 6.80
N GLU F 175 24.41 -20.96 7.52
CA GLU F 175 23.04 -20.44 7.44
C GLU F 175 23.00 -19.11 6.70
N ILE F 176 24.17 -18.68 6.19
CA ILE F 176 24.26 -17.51 5.33
C ILE F 176 24.23 -17.94 3.86
N LEU F 177 23.25 -17.43 3.14
CA LEU F 177 22.96 -17.89 1.79
C LEU F 177 23.72 -17.12 0.72
N ASN F 178 24.16 -17.83 -0.32
CA ASN F 178 24.63 -17.20 -1.53
C ASN F 178 23.69 -17.52 -2.71
N TYR F 179 23.02 -16.49 -3.23
CA TYR F 179 22.13 -16.60 -4.40
C TYR F 179 22.00 -15.22 -5.06
N LYS F 180 21.45 -15.20 -6.28
CA LYS F 180 21.22 -13.95 -7.01
C LYS F 180 19.74 -13.53 -7.02
N ARG F 181 19.44 -12.34 -6.51
CA ARG F 181 18.17 -11.67 -6.79
C ARG F 181 18.03 -11.36 -8.28
N ASP F 182 16.80 -11.43 -8.78
CA ASP F 182 16.60 -11.22 -10.22
C ASP F 182 16.94 -9.81 -10.68
N ASP F 183 16.89 -8.84 -9.75
CA ASP F 183 17.27 -7.46 -10.05
C ASP F 183 18.75 -7.17 -9.74
N GLU F 184 19.55 -8.21 -9.50
CA GLU F 184 20.97 -8.05 -9.16
C GLU F 184 21.76 -7.13 -10.12
N CYS F 185 21.51 -7.24 -11.41
CA CYS F 185 22.21 -6.42 -12.39
C CYS F 185 21.91 -4.92 -12.21
N GLU F 186 20.82 -4.58 -11.53
CA GLU F 186 20.47 -3.17 -11.29
C GLU F 186 21.19 -2.58 -10.06
N HIS F 187 21.66 -3.45 -9.16
CA HIS F 187 22.27 -3.02 -7.89
C HIS F 187 23.76 -3.31 -7.84
N TYR F 188 24.16 -4.53 -8.16
CA TYR F 188 25.59 -4.88 -8.26
C TYR F 188 26.19 -4.64 -9.64
N TYR F 189 25.35 -4.61 -10.67
CA TYR F 189 25.78 -4.68 -12.09
C TYR F 189 26.24 -6.08 -12.48
N CYS F 190 26.24 -6.36 -13.79
CA CYS F 190 26.58 -7.70 -14.35
C CYS F 190 27.53 -7.57 -15.52
#